data_8SGM
#
_entry.id   8SGM
#
_cell.length_a   133.788
_cell.length_b   133.788
_cell.length_c   68.574
_cell.angle_alpha   90.000
_cell.angle_beta   90.000
_cell.angle_gamma   90.000
#
_symmetry.space_group_name_H-M   'P 41'
#
loop_
_entity.id
_entity.type
_entity.pdbx_description
1 polymer 'Antigen-presenting glycoprotein CD1d'
2 polymer Beta-2-microglobulin
3 polymer 'Natural killer T cell receptor TRAV26-2'
4 polymer 'Natural killer T cell receptor TRBV19 beta chain'
5 branched 2-acetamido-2-deoxy-beta-D-glucopyranose-(1-4)-2-acetamido-2-deoxy-beta-D-glucopyranose
6 branched beta-D-mannopyranose-(1-4)-2-acetamido-2-deoxy-beta-D-glucopyranose-(1-4)-2-acetamido-2-deoxy-beta-D-glucopyranose
7 non-polymer 2-acetamido-2-deoxy-beta-D-glucopyranose
8 non-polymer GLYCEROL
9 non-polymer N-[(2S)-3-oxo-1-(beta-L-talopyranosyloxy)octadecan-2-yl]docosanamide
10 non-polymer 'SULFATE ION'
11 water water
#
loop_
_entity_poly.entity_id
_entity_poly.type
_entity_poly.pdbx_seq_one_letter_code
_entity_poly.pdbx_strand_id
1 'polypeptide(L)'
;MQRLFPLRCLQISSFANSSWTRTDGLAWLGELQTHSWSNDSDTVRSLKPWSQGTFSDQQWETLQHIFRVYRSSFTRDVKE
FAKMLRLSYPLELQVSAGCEVHPGNASNNFFHVAFQGKDILSFQGTSWEPTQEAPLWVNLAIQVLNQDKWTRETVQWLLN
GTCPQFVSGLLESGKSELKKQVKPKAWLSRGPSPGPGRLLLVCHVSGFYPKPVWVKWMRGEQEQQGTQPGDILPNADETW
YLRATLDVVAGEAAGLSCRVKHSSLEGQDIVLYQ
;
A
2 'polypeptide(L)'
;MIQRTPKIQVYSRHPAENGKSNFLNCYVSGFHPSDIEVDLLKNGERIEKVEHSDLSFSKDWSFYLLYYTEFTPTEKDEYA
CRVNHVTLSQPKIVKWDRDM
;
B
3 'polypeptide(L)'
;MDAKTTQPNSMESNEEEPVHLPCNHSTISGTDYIHWYRQLPSQGPEYVIHGLTSNVNNRMASLAIAEDRKSSTLILHRAT
LRDAAVYYCILRDGWGGTYKYIFGTGTRLKVLANIQNPDPAVYQLRDSKSSDKSVCLFTDFDSQTNVSQSKDSDVYITDK
CVLDMRSMDFKSNSAVAWSNKSDFACANAFNNSIIPEDTFFPSPESS
;
C
4 'polypeptide(L)'
;MDGGITQSPKYLFRKEGQNVTLSCEQNLNHDAMYWYRQDPGQGLRLIYYSQIVNDFQKGDIAEGYSVSREKKESFPLTVT
SAQKNPTAFYLCATSVGRPYEQYFGPGTRLTVTEDLKNVFPPEVAVFEPSEAEISHTQKATLVCLATGFYPDHVELSWWV
NGKEVHSGVCTDPQPLKEQPALNDSRYALSSRLRVSATFWQNPRNHFRCQVQFYGLSENDEWTQDRAKPVTQIVSAEAWG
RAD
;
D
#
loop_
_chem_comp.id
_chem_comp.type
_chem_comp.name
_chem_comp.formula
A1AHF non-polymer N-[(2S)-3-oxo-1-(beta-L-talopyranosyloxy)octadecan-2-yl]docosanamide 'C46 H89 N O8'
BMA D-saccharide, beta linking beta-D-mannopyranose 'C6 H12 O6'
GOL non-polymer GLYCEROL 'C3 H8 O3'
NAG D-saccharide, beta linking 2-acetamido-2-deoxy-beta-D-glucopyranose 'C8 H15 N O6'
SO4 non-polymer 'SULFATE ION' 'O4 S -2'
#
# COMPACT_ATOMS: atom_id res chain seq x y z
N ARG A 3 0.82 24.88 -20.69
CA ARG A 3 1.88 23.95 -21.07
C ARG A 3 1.88 22.72 -20.16
N LEU A 4 2.11 21.55 -20.74
CA LEU A 4 2.09 20.31 -19.97
C LEU A 4 3.41 19.55 -20.10
N PHE A 5 3.72 18.82 -19.03
CA PHE A 5 4.98 18.08 -18.91
C PHE A 5 4.65 16.67 -18.43
N PRO A 6 4.01 15.87 -19.27
CA PRO A 6 3.84 14.46 -18.93
C PRO A 6 5.19 13.77 -18.91
N LEU A 7 5.27 12.70 -18.14
CA LEU A 7 6.43 11.84 -18.13
C LEU A 7 6.13 10.62 -18.98
N ARG A 8 6.91 10.40 -20.04
CA ARG A 8 6.78 9.24 -20.90
C ARG A 8 8.06 8.41 -20.79
N CYS A 9 7.91 7.18 -20.32
CA CYS A 9 9.01 6.22 -20.24
C CYS A 9 8.87 5.21 -21.37
N LEU A 10 9.92 5.10 -22.19
CA LEU A 10 9.88 4.38 -23.45
C LEU A 10 10.90 3.26 -23.42
N GLN A 11 10.46 2.06 -23.78
CA GLN A 11 11.31 0.88 -23.84
C GLN A 11 11.28 0.30 -25.26
N ILE A 12 12.46 -0.07 -25.77
CA ILE A 12 12.62 -0.64 -27.11
C ILE A 12 13.39 -1.94 -26.91
N SER A 13 12.70 -3.07 -26.98
CA SER A 13 13.34 -4.36 -26.79
C SER A 13 13.30 -5.08 -28.12
N SER A 14 14.47 -5.47 -28.61
CA SER A 14 14.62 -6.10 -29.91
C SER A 14 15.18 -7.49 -29.71
N PHE A 15 14.50 -8.48 -30.27
CA PHE A 15 14.87 -9.88 -30.14
C PHE A 15 15.15 -10.38 -31.55
N ALA A 16 16.43 -10.46 -31.92
CA ALA A 16 16.76 -10.94 -33.26
C ALA A 16 16.56 -12.45 -33.37
N ASN A 17 16.89 -13.18 -32.31
CA ASN A 17 16.60 -14.61 -32.23
C ASN A 17 16.52 -14.96 -30.75
N SER A 18 16.71 -16.24 -30.42
CA SER A 18 16.60 -16.71 -29.03
C SER A 18 17.83 -16.39 -28.19
N SER A 19 18.93 -15.98 -28.81
CA SER A 19 20.18 -15.76 -28.10
C SER A 19 20.71 -14.33 -28.22
N TRP A 20 20.04 -13.46 -28.99
CA TRP A 20 20.51 -12.09 -29.24
C TRP A 20 19.37 -11.11 -28.99
N THR A 21 19.55 -10.23 -28.02
CA THR A 21 18.50 -9.28 -27.66
C THR A 21 19.14 -8.05 -27.02
N ARG A 22 18.51 -6.90 -27.23
CA ARG A 22 18.89 -5.67 -26.57
C ARG A 22 17.63 -5.00 -26.03
N THR A 23 17.77 -4.34 -24.88
CA THR A 23 16.71 -3.50 -24.34
C THR A 23 17.30 -2.13 -24.00
N ASP A 24 16.66 -1.09 -24.51
CA ASP A 24 17.12 0.28 -24.33
C ASP A 24 15.91 1.14 -24.00
N GLY A 25 16.14 2.16 -23.19
CA GLY A 25 15.06 2.98 -22.68
C GLY A 25 15.45 4.43 -22.60
N LEU A 26 14.44 5.26 -22.36
CA LEU A 26 14.66 6.68 -22.14
C LEU A 26 13.39 7.23 -21.49
N ALA A 27 13.51 8.38 -20.85
CA ALA A 27 12.34 9.05 -20.28
C ALA A 27 12.29 10.48 -20.80
N TRP A 28 11.10 10.97 -21.09
CA TRP A 28 10.88 12.34 -21.51
C TRP A 28 9.96 13.04 -20.52
N LEU A 29 10.31 14.25 -20.13
CA LEU A 29 9.40 15.12 -19.39
C LEU A 29 9.07 16.29 -20.31
N GLY A 30 7.81 16.36 -20.77
CA GLY A 30 7.51 17.33 -21.80
C GLY A 30 8.35 17.01 -23.03
N GLU A 31 8.93 18.03 -23.62
CA GLU A 31 9.82 17.83 -24.76
C GLU A 31 11.25 17.43 -24.39
N LEU A 32 11.63 17.35 -23.11
CA LEU A 32 13.03 17.16 -22.74
C LEU A 32 13.33 15.73 -22.30
N GLN A 33 14.43 15.17 -22.80
CA GLN A 33 14.84 13.85 -22.37
C GLN A 33 15.61 13.97 -21.05
N THR A 34 15.12 13.28 -20.02
CA THR A 34 15.71 13.36 -18.70
C THR A 34 16.52 12.13 -18.33
N HIS A 35 16.30 11.01 -19.00
CA HIS A 35 16.95 9.76 -18.64
C HIS A 35 17.30 9.00 -19.90
N SER A 36 18.34 8.20 -19.78
CA SER A 36 18.77 7.33 -20.86
C SER A 36 19.13 6.01 -20.21
N TRP A 37 18.68 4.91 -20.80
CA TRP A 37 18.80 3.59 -20.19
C TRP A 37 19.33 2.63 -21.25
N SER A 38 20.61 2.32 -21.17
CA SER A 38 21.30 1.60 -22.23
C SER A 38 21.45 0.11 -21.89
N ASN A 39 21.37 -0.75 -22.93
CA ASN A 39 21.55 -2.19 -22.75
C ASN A 39 22.93 -2.53 -22.21
N ASP A 40 23.93 -1.69 -22.49
CA ASP A 40 25.29 -1.93 -22.00
C ASP A 40 25.43 -1.58 -20.54
N SER A 41 24.58 -0.69 -20.04
CA SER A 41 24.73 -0.10 -18.73
C SER A 41 24.00 -0.90 -17.66
N ASP A 42 24.48 -0.76 -16.43
CA ASP A 42 23.82 -1.35 -15.27
C ASP A 42 22.94 -0.36 -14.56
N THR A 43 22.72 0.82 -15.14
CA THR A 43 21.94 1.86 -14.48
C THR A 43 21.25 2.70 -15.53
N VAL A 44 20.13 3.29 -15.15
CA VAL A 44 19.52 4.32 -15.97
C VAL A 44 20.19 5.63 -15.61
N ARG A 45 20.60 6.35 -16.63
CA ARG A 45 21.49 7.49 -16.47
C ARG A 45 20.67 8.77 -16.40
N SER A 46 20.93 9.57 -15.37
CA SER A 46 20.32 10.87 -15.23
C SER A 46 21.00 11.86 -16.17
N LEU A 47 20.25 12.41 -17.13
CA LEU A 47 20.83 13.31 -18.12
C LEU A 47 20.89 14.76 -17.66
N LYS A 48 20.20 15.09 -16.58
CA LYS A 48 20.15 16.47 -16.11
C LYS A 48 20.52 16.50 -14.64
N PRO A 49 21.04 17.63 -14.14
CA PRO A 49 21.32 17.71 -12.69
C PRO A 49 20.08 17.44 -11.84
N TRP A 50 18.87 17.73 -12.35
CA TRP A 50 17.63 17.52 -11.62
C TRP A 50 16.93 16.20 -11.95
N SER A 51 17.51 15.36 -12.80
CA SER A 51 16.83 14.16 -13.26
C SER A 51 16.37 13.24 -12.12
N GLN A 52 16.96 13.35 -10.93
CA GLN A 52 16.55 12.50 -9.82
C GLN A 52 15.33 13.06 -9.06
N GLY A 53 14.85 14.25 -9.43
CA GLY A 53 13.68 14.75 -8.74
C GLY A 53 14.01 15.05 -7.28
N THR A 54 13.03 14.85 -6.41
CA THR A 54 13.25 14.98 -4.98
C THR A 54 13.52 13.65 -4.32
N PHE A 55 13.80 12.61 -5.10
CA PHE A 55 14.04 11.30 -4.52
C PHE A 55 15.37 11.26 -3.77
N SER A 56 15.38 10.49 -2.68
CA SER A 56 16.60 10.19 -1.96
C SER A 56 17.48 9.22 -2.76
N ASP A 57 18.78 9.25 -2.46
CA ASP A 57 19.71 8.36 -3.11
C ASP A 57 19.33 6.92 -2.86
N GLN A 58 18.88 6.63 -1.65
CA GLN A 58 18.44 5.29 -1.32
C GLN A 58 17.18 4.94 -2.13
N GLN A 59 16.29 5.90 -2.31
CA GLN A 59 15.12 5.64 -3.16
C GLN A 59 15.54 5.38 -4.60
N TRP A 60 16.39 6.26 -5.16
CA TRP A 60 16.83 6.06 -6.54
C TRP A 60 17.49 4.69 -6.70
N GLU A 61 18.32 4.31 -5.74
CA GLU A 61 19.01 3.04 -5.86
C GLU A 61 18.04 1.87 -5.93
N THR A 62 16.99 1.85 -5.10
CA THR A 62 16.09 0.70 -5.19
C THR A 62 15.25 0.79 -6.45
N LEU A 63 14.98 2.01 -6.94
CA LEU A 63 14.40 2.16 -8.27
C LEU A 63 15.34 1.62 -9.35
N GLN A 64 16.64 1.90 -9.24
CA GLN A 64 17.59 1.26 -10.15
C GLN A 64 17.50 -0.24 -10.07
N HIS A 65 17.39 -0.77 -8.85
CA HIS A 65 17.33 -2.22 -8.68
C HIS A 65 16.11 -2.76 -9.39
N ILE A 66 14.94 -2.13 -9.18
CA ILE A 66 13.69 -2.57 -9.78
C ILE A 66 13.83 -2.71 -11.30
N PHE A 67 14.33 -1.67 -11.97
CA PHE A 67 14.50 -1.72 -13.42
C PHE A 67 15.50 -2.79 -13.84
N ARG A 68 16.56 -2.96 -13.06
CA ARG A 68 17.57 -3.94 -13.39
C ARG A 68 16.98 -5.35 -13.40
N VAL A 69 16.18 -5.68 -12.38
CA VAL A 69 15.60 -7.00 -12.41
C VAL A 69 14.45 -7.04 -13.43
N TYR A 70 13.74 -5.92 -13.60
CA TYR A 70 12.70 -5.86 -14.63
C TYR A 70 13.24 -6.19 -16.01
N ARG A 71 14.37 -5.57 -16.40
CA ARG A 71 14.97 -5.82 -17.70
C ARG A 71 15.32 -7.29 -17.89
N SER A 72 15.92 -7.91 -16.88
CA SER A 72 16.36 -9.30 -16.99
C SER A 72 15.20 -10.27 -17.24
N SER A 73 14.17 -10.21 -16.38
CA SER A 73 13.09 -11.18 -16.49
C SER A 73 12.11 -10.83 -17.61
N PHE A 74 11.99 -9.56 -17.97
CA PHE A 74 11.23 -9.21 -19.17
C PHE A 74 11.76 -9.96 -20.38
N THR A 75 13.07 -9.91 -20.61
CA THR A 75 13.56 -10.59 -21.80
C THR A 75 13.55 -12.10 -21.60
N ARG A 76 13.70 -12.58 -20.36
CA ARG A 76 13.40 -13.97 -20.03
C ARG A 76 11.97 -14.33 -20.41
N ASP A 77 11.01 -13.51 -19.98
CA ASP A 77 9.60 -13.82 -20.18
C ASP A 77 9.23 -13.75 -21.66
N VAL A 78 9.72 -12.75 -22.39
CA VAL A 78 9.39 -12.63 -23.80
C VAL A 78 9.84 -13.89 -24.54
N LYS A 79 11.02 -14.39 -24.21
CA LYS A 79 11.52 -15.61 -24.84
C LYS A 79 10.63 -16.80 -24.51
N GLU A 80 10.09 -16.85 -23.30
CA GLU A 80 9.16 -17.91 -22.92
C GLU A 80 7.90 -17.85 -23.77
N PHE A 81 7.20 -16.71 -23.74
CA PHE A 81 5.99 -16.57 -24.54
C PHE A 81 6.23 -16.90 -26.01
N ALA A 82 7.41 -16.55 -26.52
CA ALA A 82 7.70 -16.83 -27.93
C ALA A 82 7.78 -18.33 -28.18
N LYS A 83 8.35 -19.07 -27.23
CA LYS A 83 8.34 -20.53 -27.28
C LYS A 83 6.93 -21.06 -27.06
N MET A 84 6.31 -20.70 -25.93
CA MET A 84 4.97 -21.16 -25.62
C MET A 84 4.02 -20.98 -26.80
N LEU A 85 3.97 -19.77 -27.36
CA LEU A 85 2.93 -19.42 -28.30
C LEU A 85 3.37 -19.55 -29.74
N ARG A 86 4.55 -20.13 -29.97
CA ARG A 86 5.09 -20.36 -31.32
C ARG A 86 5.07 -19.07 -32.14
N LEU A 87 5.90 -18.12 -31.71
CA LEU A 87 6.05 -16.83 -32.37
C LEU A 87 7.42 -16.75 -33.04
N SER A 88 7.46 -16.16 -34.24
CA SER A 88 8.66 -16.08 -35.05
C SER A 88 9.48 -14.82 -34.71
N TYR A 89 10.80 -14.93 -34.87
CA TYR A 89 11.72 -13.84 -34.50
C TYR A 89 12.02 -12.84 -35.62
N LEU A 91 11.51 -10.29 -33.40
CA LEU A 91 10.62 -9.74 -32.36
C LEU A 91 10.94 -8.32 -31.91
N GLU A 92 9.96 -7.43 -32.04
CA GLU A 92 10.08 -6.04 -31.61
C GLU A 92 8.99 -5.73 -30.60
N LEU A 93 9.37 -5.46 -29.35
CA LEU A 93 8.45 -5.02 -28.31
C LEU A 93 8.74 -3.58 -27.90
N GLN A 94 7.68 -2.84 -27.66
CA GLN A 94 7.79 -1.46 -27.23
C GLN A 94 6.88 -1.24 -26.05
N VAL A 95 7.35 -0.47 -25.07
CA VAL A 95 6.54 -0.07 -23.93
C VAL A 95 6.54 1.44 -23.86
N SER A 96 5.36 2.02 -23.57
CA SER A 96 5.19 3.44 -23.35
C SER A 96 4.34 3.58 -22.09
N ALA A 97 5.00 3.93 -20.98
CA ALA A 97 4.39 4.02 -19.66
C ALA A 97 4.72 5.38 -19.06
N GLY A 98 3.92 5.83 -18.11
CA GLY A 98 4.15 7.10 -17.47
C GLY A 98 2.86 7.69 -16.91
N CYS A 99 2.87 9.01 -16.75
CA CYS A 99 1.75 9.69 -16.10
C CYS A 99 1.86 11.19 -16.30
N GLU A 100 0.79 11.86 -15.94
CA GLU A 100 0.65 13.30 -15.99
C GLU A 100 0.10 13.76 -14.66
N VAL A 101 0.65 14.83 -14.12
CA VAL A 101 0.17 15.37 -12.85
C VAL A 101 -0.77 16.51 -13.17
N HIS A 102 -2.02 16.38 -12.72
CA HIS A 102 -2.99 17.48 -12.79
C HIS A 102 -3.40 17.86 -11.38
N PRO A 103 -3.07 19.06 -10.91
CA PRO A 103 -3.26 19.38 -9.49
C PRO A 103 -4.72 19.25 -8.97
N GLY A 104 -5.71 19.14 -9.86
CA GLY A 104 -7.09 18.96 -9.44
C GLY A 104 -7.56 17.51 -9.42
N ASN A 105 -6.66 16.59 -9.08
CA ASN A 105 -7.04 15.19 -8.87
C ASN A 105 -7.23 14.45 -10.20
N ALA A 106 -7.34 15.18 -11.31
CA ALA A 106 -7.56 14.55 -12.62
C ALA A 106 -6.30 13.88 -13.14
N SER A 107 -5.45 13.36 -12.24
CA SER A 107 -4.17 12.76 -12.63
C SER A 107 -4.38 11.37 -13.23
N ASN A 108 -3.75 11.13 -14.38
CA ASN A 108 -3.95 9.94 -15.18
C ASN A 108 -2.60 9.30 -15.51
N ASN A 109 -2.64 8.02 -15.87
CA ASN A 109 -1.41 7.30 -16.17
C ASN A 109 -1.72 6.24 -17.20
N PHE A 110 -0.67 5.58 -17.68
CA PHE A 110 -0.76 4.67 -18.81
C PHE A 110 0.43 3.71 -18.81
N PHE A 111 0.21 2.54 -19.40
CA PHE A 111 1.26 1.56 -19.64
C PHE A 111 0.81 0.78 -20.89
N HIS A 112 1.27 1.21 -22.08
CA HIS A 112 0.89 0.60 -23.35
C HIS A 112 2.04 -0.24 -23.91
N VAL A 113 1.74 -1.48 -24.32
CA VAL A 113 2.71 -2.39 -24.95
C VAL A 113 2.35 -2.64 -26.40
N ALA A 114 3.36 -2.64 -27.28
CA ALA A 114 3.15 -2.87 -28.71
C ALA A 114 4.05 -3.99 -29.21
N PHE A 115 3.55 -4.76 -30.15
CA PHE A 115 4.28 -5.90 -30.70
C PHE A 115 4.36 -5.70 -32.21
N GLN A 116 5.55 -5.87 -32.78
CA GLN A 116 5.79 -5.64 -34.21
C GLN A 116 5.17 -4.32 -34.68
N GLY A 117 5.15 -3.30 -33.81
CA GLY A 117 4.62 -2.01 -34.18
C GLY A 117 3.14 -1.79 -33.93
N LYS A 118 2.45 -2.76 -33.34
CA LYS A 118 1.00 -2.66 -33.11
C LYS A 118 0.68 -2.85 -31.64
N ASP A 119 -0.21 -2.00 -31.13
CA ASP A 119 -0.77 -2.21 -29.80
C ASP A 119 -1.30 -3.63 -29.66
N ILE A 120 -0.96 -4.28 -28.54
CA ILE A 120 -1.51 -5.58 -28.19
C ILE A 120 -2.19 -5.56 -26.83
N LEU A 121 -1.65 -4.83 -25.86
CA LEU A 121 -2.22 -4.82 -24.52
C LEU A 121 -1.77 -3.57 -23.78
N SER A 122 -2.43 -3.30 -22.67
CA SER A 122 -2.06 -2.23 -21.78
C SER A 122 -2.49 -2.61 -20.38
N PHE A 123 -2.01 -1.84 -19.40
CA PHE A 123 -2.42 -2.00 -18.02
C PHE A 123 -3.65 -1.15 -17.80
N GLN A 124 -4.70 -1.76 -17.26
CA GLN A 124 -5.96 -1.06 -17.01
C GLN A 124 -6.39 -1.36 -15.58
N GLY A 125 -6.48 -0.34 -14.76
CA GLY A 125 -6.81 -0.49 -13.36
C GLY A 125 -5.84 -1.31 -12.53
N THR A 126 -5.79 -2.60 -12.78
CA THR A 126 -5.27 -3.58 -11.85
C THR A 126 -4.64 -4.75 -12.57
N SER A 127 -4.92 -4.89 -13.87
CA SER A 127 -4.48 -6.07 -14.61
C SER A 127 -4.15 -5.69 -16.05
N TRP A 128 -3.51 -6.63 -16.74
CA TRP A 128 -3.23 -6.48 -18.14
C TRP A 128 -4.49 -6.76 -18.97
N GLU A 129 -4.73 -5.91 -19.97
CA GLU A 129 -5.92 -6.00 -20.80
C GLU A 129 -5.55 -5.97 -22.28
N PRO A 130 -5.96 -6.94 -23.08
CA PRO A 130 -5.66 -6.87 -24.52
C PRO A 130 -6.51 -5.80 -25.18
N THR A 131 -6.00 -5.28 -26.31
CA THR A 131 -6.80 -4.41 -27.16
C THR A 131 -7.69 -5.24 -28.08
N GLN A 132 -8.75 -4.60 -28.59
CA GLN A 132 -9.73 -5.30 -29.41
C GLN A 132 -9.08 -5.94 -30.65
N GLU A 133 -8.22 -5.20 -31.35
CA GLU A 133 -7.63 -5.69 -32.60
C GLU A 133 -6.49 -6.69 -32.39
N ALA A 134 -6.10 -6.95 -31.14
CA ALA A 134 -4.96 -7.80 -30.92
C ALA A 134 -5.30 -9.26 -31.25
N PRO A 135 -4.34 -10.02 -31.74
CA PRO A 135 -4.59 -11.42 -32.07
C PRO A 135 -5.06 -12.22 -30.86
N LEU A 136 -5.72 -13.35 -31.15
CA LEU A 136 -6.16 -14.29 -30.12
C LEU A 136 -5.03 -14.65 -29.16
N TRP A 137 -3.85 -15.00 -29.71
CA TRP A 137 -2.78 -15.53 -28.85
C TRP A 137 -2.45 -14.59 -27.70
N VAL A 138 -2.52 -13.28 -27.92
CA VAL A 138 -2.30 -12.32 -26.84
C VAL A 138 -3.17 -12.63 -25.64
N ASN A 139 -4.33 -13.25 -25.86
CA ASN A 139 -5.19 -13.62 -24.75
C ASN A 139 -4.51 -14.64 -23.85
N LEU A 140 -3.83 -15.62 -24.45
CA LEU A 140 -3.10 -16.62 -23.67
C LEU A 140 -2.00 -15.97 -22.83
N ALA A 141 -1.29 -14.99 -23.40
CA ALA A 141 -0.21 -14.35 -22.65
C ALA A 141 -0.75 -13.54 -21.47
N ILE A 142 -1.89 -12.87 -21.65
CA ILE A 142 -2.48 -12.10 -20.58
C ILE A 142 -2.99 -13.01 -19.45
N GLN A 143 -3.37 -14.24 -19.79
CA GLN A 143 -3.73 -15.20 -18.74
C GLN A 143 -2.53 -15.52 -17.86
N VAL A 144 -1.35 -15.60 -18.46
CA VAL A 144 -0.14 -15.83 -17.68
C VAL A 144 0.27 -14.58 -16.93
N LEU A 145 0.22 -13.42 -17.58
CA LEU A 145 0.70 -12.20 -16.93
C LEU A 145 -0.12 -11.87 -15.71
N ASN A 146 -1.43 -12.06 -15.77
CA ASN A 146 -2.29 -11.65 -14.67
C ASN A 146 -2.22 -12.62 -13.48
N GLN A 147 -1.53 -13.76 -13.61
CA GLN A 147 -1.26 -14.60 -12.46
C GLN A 147 -0.10 -14.11 -11.61
N ASP A 148 0.63 -13.11 -12.10
CA ASP A 148 1.76 -12.49 -11.38
C ASP A 148 1.22 -11.32 -10.57
N LYS A 149 0.81 -11.61 -9.32
CA LYS A 149 0.19 -10.55 -8.50
C LYS A 149 1.21 -9.54 -7.99
N TRP A 150 2.47 -9.95 -7.78
CA TRP A 150 3.50 -9.00 -7.37
C TRP A 150 3.85 -8.01 -8.49
N THR A 151 4.07 -8.50 -9.71
CA THR A 151 4.29 -7.59 -10.84
C THR A 151 3.11 -6.63 -10.96
N ARG A 152 1.89 -7.15 -10.79
CA ARG A 152 0.69 -6.32 -10.87
C ARG A 152 0.61 -5.28 -9.77
N GLU A 153 0.91 -5.67 -8.52
CA GLU A 153 0.93 -4.70 -7.43
C GLU A 153 2.02 -3.67 -7.64
N THR A 154 3.18 -4.09 -8.15
CA THR A 154 4.30 -3.17 -8.36
C THR A 154 3.99 -2.18 -9.48
N VAL A 155 3.48 -2.66 -10.62
CA VAL A 155 3.12 -1.77 -11.72
C VAL A 155 2.16 -0.70 -11.23
N GLN A 156 1.18 -1.08 -10.40
CA GLN A 156 0.22 -0.10 -9.88
C GLN A 156 0.89 0.92 -9.00
N TRP A 157 1.79 0.48 -8.12
CA TRP A 157 2.54 1.41 -7.27
C TRP A 157 3.34 2.41 -8.10
N LEU A 158 4.10 1.92 -9.09
CA LEU A 158 4.82 2.80 -10.01
C LEU A 158 3.90 3.80 -10.69
N LEU A 159 2.77 3.32 -11.25
CA LEU A 159 1.87 4.21 -11.98
C LEU A 159 1.12 5.16 -11.04
N ASN A 160 0.47 4.61 -10.01
CA ASN A 160 -0.35 5.43 -9.13
C ASN A 160 0.49 6.23 -8.14
N GLY A 161 1.64 5.69 -7.72
CA GLY A 161 2.42 6.26 -6.64
C GLY A 161 3.73 6.88 -7.04
N THR A 162 4.68 6.04 -7.47
CA THR A 162 6.01 6.52 -7.82
C THR A 162 5.97 7.62 -8.88
N CYS A 163 5.23 7.38 -9.98
CA CYS A 163 5.27 8.30 -11.10
C CYS A 163 4.79 9.72 -10.76
N PRO A 164 3.58 9.93 -10.24
CA PRO A 164 3.18 11.32 -9.95
C PRO A 164 4.05 11.98 -8.89
N GLN A 165 4.53 11.21 -7.91
CA GLN A 165 5.54 11.72 -6.99
C GLN A 165 6.77 12.22 -7.75
N PHE A 166 7.30 11.39 -8.65
CA PHE A 166 8.49 11.75 -9.42
C PHE A 166 8.26 13.01 -10.26
N VAL A 167 7.14 13.07 -10.97
CA VAL A 167 6.85 14.22 -11.82
C VAL A 167 6.75 15.48 -10.99
N SER A 168 6.20 15.37 -9.78
CA SER A 168 6.13 16.54 -8.90
C SER A 168 7.51 16.99 -8.47
N GLY A 169 8.40 16.05 -8.15
CA GLY A 169 9.77 16.42 -7.84
C GLY A 169 10.53 16.99 -9.02
N LEU A 170 10.33 16.44 -10.23
CA LEU A 170 11.03 16.95 -11.40
C LEU A 170 10.56 18.36 -11.76
N LEU A 171 9.26 18.63 -11.61
CA LEU A 171 8.77 19.96 -11.91
C LEU A 171 9.37 21.00 -10.98
N GLU A 172 9.73 20.60 -9.76
CA GLU A 172 10.33 21.53 -8.82
C GLU A 172 11.83 21.66 -9.06
N SER A 173 12.57 20.55 -8.98
CA SER A 173 14.02 20.65 -9.08
C SER A 173 14.48 21.06 -10.46
N GLY A 174 13.67 20.88 -11.50
CA GLY A 174 14.04 21.35 -12.82
C GLY A 174 13.28 22.56 -13.30
N LYS A 175 12.70 23.32 -12.36
CA LYS A 175 11.81 24.42 -12.71
C LYS A 175 12.46 25.43 -13.66
N SER A 176 13.70 25.85 -13.38
CA SER A 176 14.26 26.94 -14.20
C SER A 176 14.56 26.48 -15.63
N GLU A 177 15.01 25.24 -15.82
CA GLU A 177 15.26 24.79 -17.19
C GLU A 177 13.96 24.61 -17.95
N LEU A 178 12.90 24.16 -17.28
CA LEU A 178 11.63 23.96 -17.96
C LEU A 178 11.08 25.29 -18.47
N LYS A 179 11.22 26.35 -17.68
CA LYS A 179 10.70 27.66 -18.04
C LYS A 179 11.69 28.48 -18.89
N LYS A 180 12.87 27.95 -19.17
CA LYS A 180 13.82 28.71 -19.98
C LYS A 180 13.25 29.05 -21.35
N GLN A 181 13.72 30.17 -21.89
CA GLN A 181 13.37 30.64 -23.22
C GLN A 181 14.65 30.90 -23.99
N VAL A 182 14.76 30.36 -25.20
CA VAL A 182 15.89 30.59 -26.08
C VAL A 182 15.38 31.19 -27.38
N LYS A 183 16.01 32.27 -27.85
CA LYS A 183 15.49 33.03 -28.99
C LYS A 183 15.98 32.41 -30.31
N PRO A 184 15.12 32.23 -31.28
CA PRO A 184 15.57 31.73 -32.58
C PRO A 184 16.29 32.78 -33.40
N LYS A 185 17.02 32.31 -34.40
CA LYS A 185 17.51 33.10 -35.50
C LYS A 185 16.84 32.61 -36.78
N ALA A 186 16.78 33.47 -37.79
CA ALA A 186 16.15 33.09 -39.05
C ALA A 186 16.98 33.59 -40.23
N TRP A 187 16.85 32.91 -41.35
CA TRP A 187 17.52 33.33 -42.58
C TRP A 187 16.74 32.79 -43.75
N LEU A 188 16.80 33.51 -44.86
CA LEU A 188 16.11 33.13 -46.07
C LEU A 188 17.08 32.50 -47.06
N SER A 189 16.54 31.70 -47.97
CA SER A 189 17.35 31.20 -49.08
C SER A 189 16.44 30.81 -50.22
N ARG A 190 17.03 30.73 -51.42
CA ARG A 190 16.31 30.32 -52.60
C ARG A 190 16.29 28.80 -52.68
N GLY A 191 15.11 28.24 -52.88
CA GLY A 191 14.98 26.81 -53.04
C GLY A 191 14.94 26.42 -54.50
N PRO A 192 14.63 25.16 -54.78
CA PRO A 192 14.54 24.72 -56.18
C PRO A 192 13.40 25.44 -56.90
N SER A 193 13.53 25.54 -58.21
CA SER A 193 12.45 26.11 -59.02
C SER A 193 11.31 25.11 -59.08
N PRO A 194 10.15 25.40 -58.46
CA PRO A 194 9.08 24.39 -58.42
C PRO A 194 8.45 24.15 -59.77
N GLY A 195 8.37 25.16 -60.62
CA GLY A 195 7.84 25.00 -61.95
C GLY A 195 8.78 25.60 -62.99
N PRO A 196 8.19 26.18 -64.04
CA PRO A 196 9.00 26.85 -65.06
C PRO A 196 9.23 28.33 -64.74
N GLY A 197 8.14 29.04 -64.47
CA GLY A 197 8.24 30.44 -64.08
C GLY A 197 8.07 30.67 -62.60
N ARG A 198 8.56 29.73 -61.79
CA ARG A 198 8.36 29.78 -60.36
C ARG A 198 9.70 29.69 -59.62
N LEU A 199 9.77 30.39 -58.48
CA LEU A 199 10.88 30.31 -57.55
C LEU A 199 10.36 29.97 -56.17
N LEU A 200 11.14 29.20 -55.40
CA LEU A 200 10.73 28.69 -54.08
C LEU A 200 11.41 29.50 -52.97
N LEU A 201 10.63 30.32 -52.27
CA LEU A 201 11.13 31.10 -51.15
C LEU A 201 11.23 30.20 -49.92
N VAL A 202 12.37 30.24 -49.25
CA VAL A 202 12.64 29.36 -48.11
C VAL A 202 12.98 30.20 -46.89
N CYS A 203 12.25 29.99 -45.82
CA CYS A 203 12.48 30.66 -44.54
C CYS A 203 12.89 29.63 -43.49
N HIS A 204 14.15 29.70 -43.06
CA HIS A 204 14.65 28.82 -42.02
C HIS A 204 14.60 29.52 -40.65
N VAL A 205 14.21 28.77 -39.63
CA VAL A 205 14.07 29.27 -38.28
C VAL A 205 14.71 28.24 -37.37
N SER A 206 15.79 28.63 -36.68
CA SER A 206 16.58 27.66 -35.92
C SER A 206 17.07 28.23 -34.60
N GLY A 207 17.00 27.43 -33.56
CA GLY A 207 17.57 27.79 -32.28
C GLY A 207 16.57 28.08 -31.19
N PHE A 208 15.28 27.83 -31.43
CA PHE A 208 14.28 28.21 -30.46
C PHE A 208 13.99 27.08 -29.46
N TYR A 209 13.60 27.49 -28.26
CA TYR A 209 13.13 26.62 -27.21
C TYR A 209 12.28 27.50 -26.26
N PRO A 210 11.13 26.99 -25.81
CA PRO A 210 10.67 25.63 -26.12
C PRO A 210 10.00 25.51 -27.50
N LYS A 211 9.33 24.38 -27.73
CA LYS A 211 8.96 23.93 -29.07
C LYS A 211 7.92 24.81 -29.78
N PRO A 212 6.83 25.20 -29.12
CA PRO A 212 5.78 25.95 -29.82
C PRO A 212 6.33 27.17 -30.56
N VAL A 213 6.02 27.28 -31.86
CA VAL A 213 6.49 28.38 -32.70
C VAL A 213 5.46 28.66 -33.80
N TRP A 214 5.60 29.83 -34.43
CA TRP A 214 4.66 30.32 -35.46
C TRP A 214 5.46 30.99 -36.55
N VAL A 215 5.36 30.50 -37.79
CA VAL A 215 6.14 31.01 -38.90
C VAL A 215 5.26 31.02 -40.15
N LYS A 216 5.05 32.21 -40.73
CA LYS A 216 4.25 32.34 -41.94
C LYS A 216 4.91 33.34 -42.88
N TRP A 217 4.90 33.04 -44.18
CA TRP A 217 5.21 34.05 -45.17
C TRP A 217 4.05 35.05 -45.26
N MET A 218 4.40 36.31 -45.54
CA MET A 218 3.40 37.38 -45.52
C MET A 218 3.79 38.51 -46.45
N ARG A 219 2.79 39.17 -47.02
CA ARG A 219 2.95 40.44 -47.72
C ARG A 219 2.39 41.51 -46.78
N GLY A 220 3.26 42.04 -45.92
CA GLY A 220 2.88 43.01 -44.91
C GLY A 220 2.07 42.40 -43.78
N GLU A 221 0.75 42.51 -43.88
CA GLU A 221 -0.15 41.87 -42.94
C GLU A 221 -0.99 40.76 -43.57
N GLN A 222 -0.90 40.56 -44.89
CA GLN A 222 -1.71 39.55 -45.57
C GLN A 222 -0.99 38.20 -45.54
N GLU A 223 -1.40 37.34 -44.60
CA GLU A 223 -0.81 36.01 -44.48
C GLU A 223 -1.06 35.22 -45.76
N GLN A 224 0.02 34.87 -46.45
CA GLN A 224 -0.05 34.07 -47.68
C GLN A 224 -0.48 32.64 -47.35
N GLN A 225 -1.71 32.27 -47.73
CA GLN A 225 -2.20 30.92 -47.46
C GLN A 225 -1.33 29.83 -48.08
N GLY A 226 -0.44 30.18 -49.02
CA GLY A 226 0.42 29.20 -49.65
C GLY A 226 1.56 28.73 -48.80
N THR A 227 1.71 29.30 -47.60
CA THR A 227 2.82 29.00 -46.70
C THR A 227 2.85 27.52 -46.34
N GLN A 228 3.95 26.85 -46.68
CA GLN A 228 4.15 25.45 -46.33
C GLN A 228 5.03 25.35 -45.09
N PRO A 229 4.49 24.98 -43.91
CA PRO A 229 5.35 24.78 -42.73
C PRO A 229 5.94 23.39 -42.65
N GLY A 230 7.27 23.29 -42.51
CA GLY A 230 7.91 21.99 -42.45
C GLY A 230 7.59 21.27 -41.15
N ASP A 231 8.31 20.18 -40.92
CA ASP A 231 8.26 19.60 -39.59
C ASP A 231 9.17 20.39 -38.64
N ILE A 232 8.87 20.31 -37.36
CA ILE A 232 9.77 20.85 -36.35
C ILE A 232 10.77 19.75 -35.98
N LEU A 233 12.00 19.94 -36.36
CA LEU A 233 13.15 19.03 -36.30
C LEU A 233 14.10 19.41 -35.18
N PRO A 234 14.70 18.44 -34.48
CA PRO A 234 15.54 18.77 -33.32
C PRO A 234 17.00 19.06 -33.64
N ASN A 235 17.55 20.05 -32.94
CA ASN A 235 18.98 20.30 -32.91
C ASN A 235 19.60 19.56 -31.72
N ALA A 236 20.90 19.32 -31.83
CA ALA A 236 21.61 18.58 -30.80
C ALA A 236 21.63 19.29 -29.46
N ASP A 237 21.37 20.59 -29.42
CA ASP A 237 21.42 21.35 -28.19
C ASP A 237 20.04 21.57 -27.61
N GLU A 238 19.06 20.77 -28.02
CA GLU A 238 17.70 20.80 -27.49
C GLU A 238 16.93 22.04 -27.91
N THR A 239 17.41 22.78 -28.91
CA THR A 239 16.56 23.72 -29.62
C THR A 239 15.95 23.02 -30.84
N TRP A 240 15.28 23.79 -31.69
CA TRP A 240 14.44 23.25 -32.75
C TRP A 240 14.68 24.04 -34.01
N TYR A 241 14.29 23.43 -35.13
CA TYR A 241 14.52 23.97 -36.47
C TYR A 241 13.23 23.80 -37.26
N LEU A 242 12.97 24.74 -38.15
CA LEU A 242 11.71 24.79 -38.88
C LEU A 242 11.96 25.46 -40.22
N ARG A 243 11.46 24.86 -41.29
CA ARG A 243 11.55 25.41 -42.63
C ARG A 243 10.15 25.71 -43.12
N ALA A 244 9.92 26.95 -43.60
CA ALA A 244 8.64 27.39 -44.11
C ALA A 244 8.84 27.89 -45.53
N THR A 245 8.09 27.32 -46.47
CA THR A 245 8.36 27.48 -47.89
C THR A 245 7.17 28.13 -48.59
N LEU A 246 7.46 28.89 -49.65
CA LEU A 246 6.42 29.57 -50.42
C LEU A 246 6.73 29.46 -51.91
N ASP A 247 5.71 29.13 -52.70
CA ASP A 247 5.84 29.01 -54.15
C ASP A 247 5.20 30.23 -54.81
N VAL A 248 6.03 31.09 -55.40
CA VAL A 248 5.58 32.35 -55.97
C VAL A 248 5.96 32.43 -57.44
N VAL A 249 5.30 33.34 -58.14
CA VAL A 249 5.61 33.61 -59.54
C VAL A 249 6.81 34.55 -59.62
N ALA A 250 7.57 34.39 -60.71
CA ALA A 250 8.77 35.18 -61.00
C ALA A 250 8.84 36.49 -60.23
N GLY A 251 7.86 37.38 -60.44
CA GLY A 251 7.87 38.71 -59.88
C GLY A 251 7.14 38.90 -58.57
N GLU A 252 6.49 37.85 -58.05
CA GLU A 252 5.79 37.94 -56.76
C GLU A 252 6.74 37.92 -55.57
N ALA A 253 8.02 37.59 -55.77
CA ALA A 253 8.96 37.48 -54.66
C ALA A 253 9.16 38.82 -53.96
N ALA A 254 9.48 39.86 -54.72
CA ALA A 254 9.71 41.18 -54.14
C ALA A 254 8.51 41.58 -53.29
N GLY A 255 8.80 42.31 -52.20
CA GLY A 255 7.79 42.76 -51.25
C GLY A 255 7.34 41.74 -50.23
N LEU A 256 7.82 40.50 -50.29
CA LEU A 256 7.38 39.44 -49.41
C LEU A 256 8.30 39.32 -48.20
N SER A 257 7.73 38.92 -47.07
CA SER A 257 8.46 38.83 -45.82
C SER A 257 8.08 37.55 -45.07
N CYS A 258 9.06 37.00 -44.35
CA CYS A 258 8.83 35.90 -43.43
C CYS A 258 8.71 36.47 -42.03
N ARG A 259 7.64 36.10 -41.34
CA ARG A 259 7.39 36.54 -39.98
C ARG A 259 7.49 35.34 -39.04
N VAL A 260 8.18 35.56 -37.91
CA VAL A 260 8.39 34.55 -36.88
C VAL A 260 7.91 35.11 -35.55
N LYS A 261 7.01 34.39 -34.89
CA LYS A 261 6.55 34.75 -33.56
C LYS A 261 6.84 33.59 -32.60
N HIS A 262 7.53 33.88 -31.50
CA HIS A 262 7.95 32.85 -30.56
C HIS A 262 7.90 33.37 -29.14
N SER A 263 7.61 32.47 -28.21
CA SER A 263 7.39 32.88 -26.83
C SER A 263 8.62 33.55 -26.19
N SER A 264 9.79 33.44 -26.80
CA SER A 264 11.00 34.06 -26.24
C SER A 264 11.23 35.47 -26.78
N LEU A 265 10.49 35.88 -27.81
CA LEU A 265 10.75 37.16 -28.46
C LEU A 265 10.03 38.30 -27.76
N GLU A 266 8.93 38.02 -27.05
CA GLU A 266 8.14 39.00 -26.32
C GLU A 266 7.54 40.04 -27.28
N GLY A 267 6.74 39.55 -28.22
CA GLY A 267 6.07 40.39 -29.19
C GLY A 267 6.97 41.04 -30.23
N GLN A 268 8.28 41.08 -30.00
CA GLN A 268 9.21 41.58 -31.02
C GLN A 268 9.45 40.47 -32.02
N ASP A 269 8.50 40.29 -32.92
CA ASP A 269 8.62 39.27 -33.95
C ASP A 269 9.91 39.49 -34.74
N ILE A 270 10.41 38.41 -35.34
CA ILE A 270 11.44 38.50 -36.38
C ILE A 270 10.74 38.62 -37.72
N VAL A 271 11.25 39.49 -38.58
CA VAL A 271 10.66 39.73 -39.89
C VAL A 271 11.79 39.92 -40.87
N LEU A 272 11.86 39.06 -41.89
CA LEU A 272 12.90 39.12 -42.92
C LEU A 272 12.24 39.37 -44.26
N TYR A 273 12.58 40.51 -44.89
CA TYR A 273 12.02 40.88 -46.19
C TYR A 273 12.85 40.28 -47.31
N GLN A 274 12.17 39.71 -48.30
CA GLN A 274 12.84 39.15 -49.46
C GLN A 274 13.47 40.26 -50.30
N ILE B 2 10.52 -5.71 -41.76
CA ILE B 2 10.07 -4.73 -42.75
C ILE B 2 8.62 -4.30 -42.49
N GLN B 3 8.37 -3.00 -42.30
CA GLN B 3 7.02 -2.47 -42.13
C GLN B 3 6.97 -1.06 -42.71
N ARG B 4 7.68 -0.09 -42.08
CA ARG B 4 7.64 1.31 -42.48
C ARG B 4 9.02 1.87 -42.81
N THR B 5 9.10 2.69 -43.94
CA THR B 5 10.41 3.10 -44.41
C THR B 5 10.80 4.50 -43.90
N PRO B 6 12.09 4.74 -43.65
CA PRO B 6 12.50 6.00 -42.98
C PRO B 6 12.35 7.24 -43.86
N LYS B 7 11.82 8.29 -43.26
CA LYS B 7 11.89 9.65 -43.80
C LYS B 7 13.21 10.26 -43.36
N ILE B 8 13.83 11.07 -44.23
CA ILE B 8 15.20 11.54 -44.05
C ILE B 8 15.26 13.02 -44.35
N GLN B 9 15.67 13.82 -43.37
CA GLN B 9 15.79 15.26 -43.55
C GLN B 9 17.13 15.74 -43.03
N VAL B 10 17.85 16.52 -43.83
CA VAL B 10 19.14 17.03 -43.42
C VAL B 10 19.12 18.54 -43.50
N TYR B 11 19.75 19.18 -42.50
CA TYR B 11 19.67 20.62 -42.26
C TYR B 11 20.86 21.03 -41.41
N SER B 12 21.19 22.31 -41.43
CA SER B 12 22.26 22.85 -40.60
C SER B 12 21.67 23.55 -39.39
N ARG B 13 22.45 23.57 -38.31
CA ARG B 13 22.09 24.27 -37.08
C ARG B 13 22.00 25.78 -37.29
N HIS B 14 22.95 26.34 -38.04
CA HIS B 14 23.06 27.77 -38.33
C HIS B 14 23.01 27.98 -39.84
N PRO B 15 22.82 29.21 -40.31
CA PRO B 15 22.90 29.47 -41.75
C PRO B 15 24.26 29.04 -42.29
N ALA B 16 24.25 28.41 -43.46
CA ALA B 16 25.48 27.96 -44.10
C ALA B 16 26.29 29.18 -44.53
N GLU B 17 27.43 29.40 -43.89
CA GLU B 17 28.34 30.45 -44.31
C GLU B 17 29.73 29.83 -44.43
N ASN B 18 30.31 29.89 -45.62
CA ASN B 18 31.57 29.20 -45.88
C ASN B 18 32.64 29.64 -44.90
N GLY B 19 33.39 28.67 -44.39
CA GLY B 19 34.44 28.94 -43.44
C GLY B 19 34.01 29.10 -42.00
N LYS B 20 32.71 29.14 -41.71
CA LYS B 20 32.22 29.36 -40.35
C LYS B 20 31.73 28.04 -39.74
N SER B 21 32.10 27.78 -38.50
CA SER B 21 31.73 26.51 -37.88
C SER B 21 30.22 26.37 -37.74
N ASN B 22 29.74 25.13 -37.82
CA ASN B 22 28.32 24.84 -37.92
C ASN B 22 28.08 23.42 -37.45
N PHE B 23 26.84 22.97 -37.56
CA PHE B 23 26.50 21.59 -37.31
C PHE B 23 25.65 21.05 -38.45
N LEU B 24 25.96 19.83 -38.88
CA LEU B 24 25.20 19.14 -39.91
C LEU B 24 24.28 18.12 -39.23
N ASN B 25 22.99 18.22 -39.49
CA ASN B 25 22.01 17.34 -38.86
C ASN B 25 21.35 16.43 -39.89
N CYS B 26 21.15 15.17 -39.51
CA CYS B 26 20.33 14.24 -40.27
C CYS B 26 19.26 13.68 -39.34
N TYR B 27 18.00 13.91 -39.67
CA TYR B 27 16.88 13.41 -38.87
C TYR B 27 16.15 12.32 -39.64
N VAL B 28 16.16 11.11 -39.09
CA VAL B 28 15.45 9.99 -39.71
C VAL B 28 14.34 9.54 -38.77
N SER B 29 13.13 9.46 -39.31
CA SER B 29 11.92 9.24 -38.52
C SER B 29 10.96 8.33 -39.28
N GLY B 30 9.88 7.98 -38.59
CA GLY B 30 8.77 7.30 -39.21
C GLY B 30 9.04 5.88 -39.69
N PHE B 31 10.08 5.21 -39.20
CA PHE B 31 10.39 3.87 -39.72
C PHE B 31 10.11 2.77 -38.70
N HIS B 32 10.11 1.54 -39.19
CA HIS B 32 9.92 0.36 -38.36
C HIS B 32 10.37 -0.84 -39.20
N PRO B 33 11.08 -1.81 -38.61
CA PRO B 33 11.52 -1.90 -37.21
C PRO B 33 12.75 -1.04 -36.90
N SER B 34 13.32 -1.24 -35.71
CA SER B 34 14.26 -0.28 -35.12
C SER B 34 15.64 -0.33 -35.74
N ASP B 35 16.06 -1.48 -36.29
CA ASP B 35 17.42 -1.61 -36.80
C ASP B 35 17.61 -0.69 -38.02
N ILE B 36 18.74 0.03 -38.04
CA ILE B 36 18.95 1.05 -39.07
C ILE B 36 20.39 1.49 -39.09
N GLU B 37 20.88 1.89 -40.26
CA GLU B 37 22.25 2.33 -40.44
C GLU B 37 22.26 3.72 -41.06
N VAL B 38 22.93 4.66 -40.40
CA VAL B 38 22.97 6.06 -40.78
C VAL B 38 24.44 6.49 -40.82
N ASP B 39 24.82 7.17 -41.89
CA ASP B 39 26.15 7.74 -42.06
C ASP B 39 26.01 9.15 -42.60
N LEU B 40 26.86 10.05 -42.13
CA LEU B 40 27.00 11.35 -42.76
C LEU B 40 28.23 11.31 -43.66
N LEU B 41 28.09 11.89 -44.84
CA LEU B 41 29.13 11.77 -45.86
C LEU B 41 29.66 13.14 -46.23
N LYS B 42 30.98 13.24 -46.31
CA LYS B 42 31.67 14.40 -46.85
C LYS B 42 32.33 14.01 -48.17
N ASN B 43 31.91 14.66 -49.25
CA ASN B 43 32.42 14.39 -50.60
C ASN B 43 32.33 12.91 -50.93
N GLY B 44 31.33 12.25 -50.34
CA GLY B 44 31.03 10.88 -50.62
C GLY B 44 31.60 9.91 -49.61
N GLU B 45 32.57 10.34 -48.83
CA GLU B 45 33.19 9.47 -47.85
C GLU B 45 32.49 9.63 -46.50
N ARG B 46 32.53 8.55 -45.72
CA ARG B 46 31.94 8.53 -44.39
C ARG B 46 32.74 9.41 -43.45
N ILE B 47 32.05 10.21 -42.67
CA ILE B 47 32.65 11.03 -41.63
C ILE B 47 32.74 10.16 -40.37
N GLU B 48 33.91 10.15 -39.76
CA GLU B 48 34.16 9.23 -38.63
C GLU B 48 33.61 9.76 -37.32
N LYS B 49 33.95 10.99 -36.95
CA LYS B 49 33.46 11.53 -35.70
C LYS B 49 32.07 12.09 -35.93
N VAL B 50 31.06 11.22 -35.77
CA VAL B 50 29.66 11.65 -35.75
C VAL B 50 29.01 11.23 -34.44
N GLU B 51 27.93 11.92 -34.10
CA GLU B 51 27.21 11.69 -32.87
C GLU B 51 25.74 11.47 -33.15
N HIS B 52 25.05 10.84 -32.20
CA HIS B 52 23.62 10.64 -32.40
C HIS B 52 22.91 10.52 -31.06
N SER B 53 21.69 11.03 -31.01
CA SER B 53 20.81 10.92 -29.85
C SER B 53 20.32 9.49 -29.69
N ASP B 54 19.80 9.17 -28.50
CA ASP B 54 19.17 7.87 -28.30
C ASP B 54 18.06 7.66 -29.32
N LEU B 55 17.96 6.43 -29.83
CA LEU B 55 16.78 6.05 -30.60
C LEU B 55 15.53 6.28 -29.75
N SER B 56 14.49 6.89 -30.34
CA SER B 56 13.22 7.12 -29.64
C SER B 56 12.06 6.66 -30.54
N PHE B 57 10.81 6.83 -30.09
CA PHE B 57 9.67 6.62 -30.99
C PHE B 57 8.51 7.56 -30.67
N SER B 58 7.61 7.68 -31.64
CA SER B 58 6.47 8.58 -31.59
C SER B 58 5.23 7.87 -31.05
N LYS B 59 4.12 8.61 -30.94
CA LYS B 59 2.91 8.01 -30.39
C LYS B 59 2.47 6.81 -31.21
N ASP B 60 2.70 6.82 -32.53
CA ASP B 60 2.31 5.72 -33.42
C ASP B 60 3.33 4.59 -33.46
N TRP B 61 4.29 4.54 -32.54
CA TRP B 61 5.28 3.48 -32.37
C TRP B 61 6.42 3.54 -33.38
N SER B 62 6.39 4.41 -34.38
CA SER B 62 7.49 4.48 -35.34
C SER B 62 8.69 5.22 -34.75
N PHE B 63 9.89 4.80 -35.16
CA PHE B 63 11.13 5.26 -34.56
C PHE B 63 11.64 6.55 -35.20
N TYR B 64 12.58 7.20 -34.49
CA TYR B 64 13.24 8.38 -35.02
C TYR B 64 14.57 8.57 -34.30
N LEU B 65 15.48 9.29 -34.96
CA LEU B 65 16.89 9.30 -34.61
C LEU B 65 17.53 10.56 -35.16
N LEU B 66 18.28 11.27 -34.32
CA LEU B 66 19.05 12.44 -34.74
C LEU B 66 20.53 12.06 -34.85
N TYR B 67 21.07 12.18 -36.05
CA TYR B 67 22.51 12.14 -36.29
C TYR B 67 23.02 13.55 -36.50
N TYR B 68 24.22 13.83 -35.99
CA TYR B 68 24.72 15.18 -36.17
C TYR B 68 26.23 15.17 -36.05
N THR B 69 26.82 16.24 -36.58
CA THR B 69 28.25 16.39 -36.49
C THR B 69 28.62 17.87 -36.68
N GLU B 70 29.71 18.25 -36.03
CA GLU B 70 30.32 19.54 -36.25
C GLU B 70 30.97 19.56 -37.63
N PHE B 71 30.81 20.65 -38.35
CA PHE B 71 31.53 20.79 -39.61
C PHE B 71 31.70 22.27 -39.94
N THR B 72 32.67 22.53 -40.81
CA THR B 72 32.86 23.85 -41.41
C THR B 72 32.62 23.77 -42.90
N PRO B 73 31.47 24.24 -43.39
CA PRO B 73 31.21 24.18 -44.84
C PRO B 73 32.15 25.09 -45.60
N THR B 74 32.44 24.69 -46.84
CA THR B 74 33.13 25.52 -47.83
C THR B 74 32.40 25.36 -49.16
N GLU B 75 32.82 26.12 -50.15
CA GLU B 75 32.22 25.99 -51.47
C GLU B 75 32.60 24.68 -52.15
N LYS B 76 33.71 24.05 -51.74
CA LYS B 76 34.25 22.89 -52.43
C LYS B 76 33.55 21.58 -52.03
N ASP B 77 33.16 21.46 -50.75
CA ASP B 77 32.69 20.20 -50.20
C ASP B 77 31.17 20.06 -50.30
N GLU B 78 30.73 18.83 -50.55
CA GLU B 78 29.33 18.44 -50.57
C GLU B 78 29.06 17.43 -49.45
N TYR B 79 27.89 17.51 -48.86
CA TYR B 79 27.54 16.72 -47.70
C TYR B 79 26.22 16.01 -47.93
N ALA B 80 26.07 14.87 -47.27
CA ALA B 80 24.84 14.11 -47.41
C ALA B 80 24.71 13.15 -46.24
N CYS B 81 23.53 12.53 -46.18
CA CYS B 81 23.18 11.53 -45.19
C CYS B 81 22.82 10.25 -45.93
N ARG B 82 23.35 9.12 -45.45
CA ARG B 82 23.14 7.84 -46.12
C ARG B 82 22.55 6.84 -45.14
N VAL B 83 21.42 6.28 -45.51
CA VAL B 83 20.59 5.49 -44.61
C VAL B 83 20.36 4.14 -45.26
N ASN B 84 20.51 3.07 -44.49
CA ASN B 84 20.06 1.76 -44.92
C ASN B 84 19.11 1.14 -43.91
N HIS B 85 18.12 0.42 -44.42
CA HIS B 85 17.03 -0.11 -43.63
C HIS B 85 16.45 -1.32 -44.38
N VAL B 86 15.89 -2.25 -43.61
CA VAL B 86 15.28 -3.44 -44.20
C VAL B 86 14.33 -3.07 -45.32
N THR B 87 13.64 -1.94 -45.22
CA THR B 87 12.69 -1.53 -46.23
C THR B 87 13.35 -0.88 -47.46
N LEU B 88 14.68 -0.87 -47.56
CA LEU B 88 15.37 -0.21 -48.66
C LEU B 88 16.25 -1.23 -49.36
N SER B 89 16.03 -1.40 -50.67
CA SER B 89 16.81 -2.35 -51.47
C SER B 89 18.28 -1.97 -51.52
N GLN B 90 18.58 -0.68 -51.43
CA GLN B 90 19.94 -0.19 -51.38
C GLN B 90 19.93 1.10 -50.59
N PRO B 91 21.09 1.53 -50.08
CA PRO B 91 21.11 2.72 -49.24
C PRO B 91 20.59 3.94 -49.97
N LYS B 92 19.84 4.76 -49.24
CA LYS B 92 19.30 6.02 -49.74
C LYS B 92 20.22 7.15 -49.29
N ILE B 93 20.61 8.00 -50.23
CA ILE B 93 21.51 9.10 -49.94
C ILE B 93 20.71 10.37 -50.19
N VAL B 94 20.52 11.16 -49.12
CA VAL B 94 19.90 12.48 -49.23
C VAL B 94 20.99 13.54 -49.06
N LYS B 95 21.05 14.46 -50.01
CA LYS B 95 22.09 15.47 -50.02
C LYS B 95 21.67 16.66 -49.17
N TRP B 96 22.67 17.31 -48.57
CA TRP B 96 22.43 18.57 -47.86
C TRP B 96 22.41 19.69 -48.88
N ASP B 97 21.24 20.28 -49.09
CA ASP B 97 21.07 21.35 -50.06
C ASP B 97 21.51 22.67 -49.43
N ARG B 98 22.57 23.27 -49.95
CA ARG B 98 23.09 24.46 -49.30
C ARG B 98 22.11 25.63 -49.46
N ASP B 99 21.88 26.07 -50.69
CA ASP B 99 20.98 27.22 -50.92
C ASP B 99 20.22 27.15 -52.24
N ALA C 3 6.69 9.23 8.64
CA ALA C 3 5.33 9.77 8.64
C ALA C 3 4.38 8.86 9.46
N LYS C 4 3.57 9.46 10.35
CA LYS C 4 2.76 8.79 11.35
C LYS C 4 1.28 8.88 10.98
N THR C 5 0.43 8.28 11.81
CA THR C 5 -1.01 8.35 11.64
C THR C 5 -1.64 8.71 12.98
N THR C 6 -2.83 9.24 12.90
CA THR C 6 -3.57 9.69 14.08
C THR C 6 -4.99 9.12 14.01
N GLN C 7 -5.46 8.56 15.11
CA GLN C 7 -6.80 8.00 15.23
C GLN C 7 -7.36 8.35 16.59
N PRO C 8 -8.68 8.55 16.69
CA PRO C 8 -9.31 8.67 18.00
C PRO C 8 -9.00 7.45 18.84
N ASN C 9 -9.06 7.62 20.16
CA ASN C 9 -8.74 6.54 21.07
C ASN C 9 -9.84 5.49 21.15
N SER C 10 -11.10 5.91 21.16
CA SER C 10 -12.22 5.00 21.27
C SER C 10 -13.36 5.50 20.40
N MET C 11 -14.32 4.62 20.18
CA MET C 11 -15.45 4.98 19.35
C MET C 11 -16.53 3.99 19.71
N GLU C 12 -17.76 4.44 19.69
CA GLU C 12 -18.87 3.52 19.90
C GLU C 12 -19.81 3.59 18.71
N SER C 13 -20.53 2.49 18.47
CA SER C 13 -21.51 2.47 17.40
C SER C 13 -22.50 1.36 17.68
N ASN C 14 -23.70 1.51 17.13
CA ASN C 14 -24.72 0.49 17.24
C ASN C 14 -24.48 -0.67 16.28
N GLU C 15 -24.84 -1.87 16.74
CA GLU C 15 -24.81 -3.03 15.87
C GLU C 15 -25.79 -2.85 14.70
N GLU C 16 -25.45 -3.51 13.57
CA GLU C 16 -26.29 -3.54 12.35
C GLU C 16 -26.42 -2.16 11.72
N GLU C 17 -25.35 -1.40 11.81
CA GLU C 17 -25.19 -0.08 11.22
C GLU C 17 -23.75 -0.05 10.72
N PRO C 18 -23.48 0.70 9.66
CA PRO C 18 -22.09 0.89 9.22
C PRO C 18 -21.35 1.78 10.22
N VAL C 19 -20.01 1.67 10.20
CA VAL C 19 -19.14 2.40 11.10
C VAL C 19 -18.05 3.04 10.25
N HIS C 20 -17.81 4.32 10.48
CA HIS C 20 -16.75 5.05 9.80
C HIS C 20 -15.65 5.32 10.83
N LEU C 21 -14.52 4.63 10.68
CA LEU C 21 -13.41 4.80 11.59
C LEU C 21 -12.39 5.75 10.96
N PRO C 22 -12.15 6.92 11.54
CA PRO C 22 -11.31 7.92 10.88
C PRO C 22 -9.83 7.72 11.17
N CYS C 23 -9.01 8.24 10.26
CA CYS C 23 -7.57 8.21 10.40
C CYS C 23 -6.98 9.43 9.69
N ASN C 24 -5.97 10.06 10.31
CA ASN C 24 -5.31 11.22 9.73
C ASN C 24 -3.85 10.93 9.48
N HIS C 25 -3.37 11.38 8.33
CA HIS C 25 -1.99 11.18 7.96
C HIS C 25 -1.59 12.34 7.04
N SER C 26 -1.39 13.50 7.64
CA SER C 26 -1.21 14.73 6.88
C SER C 26 0.13 14.77 6.14
N THR C 27 1.17 14.07 6.62
CA THR C 27 2.47 14.11 5.97
C THR C 27 2.70 12.92 5.04
N ILE C 28 1.63 12.24 4.65
CA ILE C 28 1.77 11.06 3.79
C ILE C 28 2.41 11.45 2.47
N SER C 29 3.17 10.52 1.88
CA SER C 29 3.72 10.74 0.55
C SER C 29 3.09 9.81 -0.47
N GLY C 30 3.23 10.20 -1.75
CA GLY C 30 2.55 9.51 -2.84
C GLY C 30 2.82 8.02 -2.89
N THR C 31 3.99 7.60 -2.41
CA THR C 31 4.37 6.19 -2.42
C THR C 31 4.01 5.44 -1.13
N ASP C 32 3.35 6.09 -0.17
CA ASP C 32 2.90 5.41 1.04
C ASP C 32 1.57 4.70 0.85
N TYR C 33 1.55 3.40 1.13
CA TYR C 33 0.31 2.67 1.32
C TYR C 33 -0.33 3.00 2.66
N ILE C 34 -1.65 2.83 2.72
CA ILE C 34 -2.43 2.93 3.94
C ILE C 34 -2.92 1.53 4.28
N HIS C 35 -2.54 1.03 5.46
CA HIS C 35 -2.93 -0.28 5.95
C HIS C 35 -3.86 -0.14 7.16
N TRP C 36 -4.80 -1.07 7.30
CA TRP C 36 -5.66 -1.13 8.46
C TRP C 36 -5.58 -2.54 9.02
N TYR C 37 -5.32 -2.65 10.33
CA TYR C 37 -5.34 -3.93 11.02
C TYR C 37 -6.39 -3.92 12.13
N ARG C 38 -6.77 -5.12 12.56
CA ARG C 38 -7.82 -5.32 13.56
C ARG C 38 -7.37 -6.40 14.55
N GLN C 39 -7.38 -6.07 15.85
CA GLN C 39 -6.98 -7.01 16.90
C GLN C 39 -8.17 -7.28 17.81
N LEU C 40 -8.75 -8.47 17.71
CA LEU C 40 -9.79 -8.84 18.65
C LEU C 40 -9.17 -9.13 20.02
N PRO C 41 -9.97 -9.14 21.09
CA PRO C 41 -9.38 -9.31 22.43
C PRO C 41 -8.69 -10.66 22.57
N SER C 42 -7.52 -10.64 23.20
CA SER C 42 -6.68 -11.80 23.45
C SER C 42 -6.05 -12.38 22.18
N GLN C 43 -6.08 -11.66 21.06
CA GLN C 43 -5.65 -12.20 19.78
C GLN C 43 -4.59 -11.31 19.16
N GLY C 44 -3.98 -11.82 18.09
CA GLY C 44 -3.04 -11.05 17.29
C GLY C 44 -3.78 -10.21 16.26
N PRO C 45 -3.21 -9.06 15.90
CA PRO C 45 -3.76 -8.28 14.79
C PRO C 45 -4.00 -9.10 13.53
N GLU C 46 -4.91 -8.65 12.69
CA GLU C 46 -5.21 -9.27 11.40
C GLU C 46 -5.28 -8.15 10.37
N TYR C 47 -4.63 -8.35 9.22
CA TYR C 47 -4.82 -7.46 8.11
C TYR C 47 -6.30 -7.35 7.78
N VAL C 48 -6.77 -6.13 7.48
CA VAL C 48 -8.14 -5.89 7.08
C VAL C 48 -8.21 -5.37 5.64
N ILE C 49 -7.42 -4.37 5.32
CA ILE C 49 -7.48 -3.74 4.00
C ILE C 49 -6.28 -2.84 3.82
N HIS C 50 -5.97 -2.51 2.57
CA HIS C 50 -4.94 -1.55 2.27
C HIS C 50 -5.29 -0.87 0.96
N GLY C 51 -4.83 0.37 0.81
CA GLY C 51 -4.99 1.08 -0.42
C GLY C 51 -3.78 1.95 -0.69
N LEU C 52 -3.72 2.47 -1.91
CA LEU C 52 -2.70 3.46 -2.26
C LEU C 52 -3.37 4.75 -2.70
N THR C 53 -4.04 4.75 -3.84
CA THR C 53 -4.61 5.96 -4.39
C THR C 53 -6.08 5.84 -4.74
N SER C 54 -6.66 4.64 -4.74
CA SER C 54 -8.09 4.53 -5.04
C SER C 54 -8.83 3.84 -3.89
N ASN C 55 -10.09 4.19 -3.73
CA ASN C 55 -10.92 3.53 -2.74
C ASN C 55 -10.97 2.03 -3.01
N VAL C 56 -11.16 1.27 -1.94
CA VAL C 56 -11.06 -0.18 -1.96
C VAL C 56 -12.28 -0.77 -1.27
N ASN C 57 -12.82 -1.86 -1.84
CA ASN C 57 -13.95 -2.59 -1.26
C ASN C 57 -13.58 -4.05 -1.12
N ASN C 58 -13.57 -4.56 0.10
CA ASN C 58 -13.56 -5.99 0.35
C ASN C 58 -14.99 -6.42 0.66
N ARG C 59 -15.15 -7.61 1.24
CA ARG C 59 -16.50 -8.12 1.46
C ARG C 59 -17.18 -7.42 2.62
N MET C 60 -16.49 -7.21 3.74
CA MET C 60 -17.09 -6.60 4.92
C MET C 60 -16.60 -5.19 5.22
N ALA C 61 -15.58 -4.69 4.53
CA ALA C 61 -15.01 -3.40 4.87
C ALA C 61 -14.49 -2.72 3.61
N SER C 62 -14.57 -1.40 3.61
CA SER C 62 -14.06 -0.56 2.56
C SER C 62 -13.12 0.49 3.14
N LEU C 63 -12.26 1.01 2.27
CA LEU C 63 -11.33 2.09 2.59
C LEU C 63 -11.67 3.28 1.70
N ALA C 64 -12.03 4.40 2.32
CA ALA C 64 -12.25 5.65 1.62
C ALA C 64 -11.05 6.58 1.85
N ILE C 65 -10.38 6.97 0.78
CA ILE C 65 -9.21 7.85 0.84
C ILE C 65 -9.62 9.24 0.40
N ALA C 66 -9.39 10.24 1.25
CA ALA C 66 -9.65 11.63 0.89
C ALA C 66 -8.99 12.00 -0.45
N GLU C 67 -9.36 13.16 -1.00
CA GLU C 67 -8.85 13.50 -2.32
C GLU C 67 -7.38 13.90 -2.26
N ASP C 68 -6.99 14.61 -1.20
CA ASP C 68 -5.58 14.96 -1.00
C ASP C 68 -4.76 13.85 -0.36
N ARG C 69 -5.36 12.69 -0.07
CA ARG C 69 -4.72 11.57 0.59
C ARG C 69 -4.20 11.91 1.99
N LYS C 70 -4.70 12.98 2.60
CA LYS C 70 -4.21 13.41 3.91
C LYS C 70 -4.97 12.75 5.06
N SER C 71 -6.13 12.16 4.77
CA SER C 71 -6.88 11.43 5.76
C SER C 71 -7.55 10.25 5.06
N SER C 72 -8.14 9.34 5.84
CA SER C 72 -8.81 8.19 5.27
C SER C 72 -9.80 7.62 6.28
N THR C 73 -10.61 6.67 5.81
CA THR C 73 -11.71 6.14 6.59
C THR C 73 -11.80 4.65 6.34
N LEU C 74 -11.77 3.85 7.41
CA LEU C 74 -12.15 2.45 7.34
C LEU C 74 -13.65 2.34 7.61
N ILE C 75 -14.35 1.66 6.71
CA ILE C 75 -15.82 1.61 6.74
C ILE C 75 -16.22 0.15 6.89
N LEU C 76 -16.76 -0.21 8.05
CA LEU C 76 -17.38 -1.51 8.22
C LEU C 76 -18.79 -1.42 7.66
N HIS C 77 -19.10 -2.25 6.67
CA HIS C 77 -20.37 -2.08 5.97
C HIS C 77 -21.55 -2.28 6.93
N ARG C 78 -21.40 -3.20 7.87
CA ARG C 78 -22.47 -3.51 8.84
C ARG C 78 -21.83 -4.12 10.09
N ALA C 79 -21.72 -3.33 11.17
CA ALA C 79 -21.02 -3.83 12.34
C ALA C 79 -21.91 -4.75 13.15
N THR C 80 -21.33 -5.85 13.62
CA THR C 80 -22.00 -6.71 14.57
C THR C 80 -21.16 -6.76 15.85
N LEU C 81 -21.69 -7.43 16.88
CA LEU C 81 -21.02 -7.41 18.18
C LEU C 81 -19.60 -7.94 18.09
N ARG C 82 -19.37 -8.92 17.20
CA ARG C 82 -18.05 -9.50 17.04
C ARG C 82 -17.03 -8.54 16.45
N ASP C 83 -17.42 -7.38 15.94
CA ASP C 83 -16.47 -6.42 15.38
C ASP C 83 -15.88 -5.51 16.42
N ALA C 84 -16.20 -5.72 17.69
CA ALA C 84 -15.56 -5.01 18.80
C ALA C 84 -14.09 -5.39 18.85
N ALA C 85 -13.21 -4.44 18.56
CA ALA C 85 -11.79 -4.73 18.42
C ALA C 85 -11.06 -3.40 18.46
N VAL C 86 -9.73 -3.48 18.47
CA VAL C 86 -8.88 -2.31 18.25
C VAL C 86 -8.50 -2.30 16.77
N TYR C 87 -8.62 -1.14 16.15
CA TYR C 87 -8.39 -0.97 14.73
C TYR C 87 -7.19 -0.07 14.56
N TYR C 88 -6.19 -0.54 13.81
CA TYR C 88 -4.94 0.20 13.63
C TYR C 88 -4.81 0.67 12.19
N CYS C 89 -4.64 1.97 12.03
CA CYS C 89 -4.37 2.59 10.73
C CYS C 89 -2.88 2.90 10.65
N ILE C 90 -2.21 2.31 9.67
CA ILE C 90 -0.76 2.32 9.57
C ILE C 90 -0.36 2.77 8.17
N LEU C 91 0.78 3.46 8.07
CA LEU C 91 1.40 3.71 6.78
C LEU C 91 2.53 2.71 6.52
N ARG C 92 2.63 2.26 5.29
CA ARG C 92 3.67 1.32 4.89
C ARG C 92 4.38 1.92 3.69
N ASP C 93 5.67 2.19 3.84
CA ASP C 93 6.46 2.80 2.78
C ASP C 93 6.54 1.88 1.56
N GLY C 94 6.01 2.34 0.44
CA GLY C 94 5.95 1.50 -0.76
C GLY C 94 7.31 1.17 -1.33
N TRP C 95 8.33 1.98 -1.04
CA TRP C 95 9.70 1.65 -1.44
C TRP C 95 10.20 0.39 -0.75
N GLY C 96 9.73 0.13 0.48
CA GLY C 96 10.19 -1.02 1.23
C GLY C 96 11.54 -0.85 1.86
N GLY C 97 11.88 0.37 2.31
CA GLY C 97 13.17 0.57 2.93
C GLY C 97 13.20 0.13 4.38
N THR C 98 12.65 0.95 5.26
CA THR C 98 12.60 0.63 6.69
C THR C 98 11.68 -0.56 6.94
N TYR C 99 12.21 -1.61 7.59
CA TYR C 99 11.40 -2.68 8.14
C TYR C 99 11.09 -2.47 9.62
N LYS C 100 11.25 -1.23 10.12
CA LYS C 100 10.81 -0.88 11.48
C LYS C 100 9.30 -0.63 11.47
N TYR C 101 8.54 -1.72 11.38
CA TYR C 101 7.08 -1.71 11.31
C TYR C 101 6.47 -1.48 12.70
N ILE C 102 5.91 -0.30 12.93
CA ILE C 102 5.39 0.03 14.26
C ILE C 102 3.88 0.32 14.19
N PHE C 103 3.21 0.11 15.31
CA PHE C 103 1.77 0.36 15.46
C PHE C 103 1.54 1.49 16.46
N GLY C 104 0.52 2.31 16.19
CA GLY C 104 0.08 3.30 17.15
C GLY C 104 -0.84 2.68 18.19
N THR C 105 -1.65 3.54 18.82
CA THR C 105 -2.59 3.01 19.80
C THR C 105 -3.89 2.51 19.17
N GLY C 106 -4.20 2.95 17.96
CA GLY C 106 -5.43 2.53 17.31
C GLY C 106 -6.70 3.07 17.97
N THR C 107 -7.82 2.68 17.37
CA THR C 107 -9.13 3.04 17.85
C THR C 107 -9.77 1.82 18.44
N ARG C 108 -10.14 1.89 19.72
CA ARG C 108 -10.90 0.80 20.32
C ARG C 108 -12.36 1.02 19.99
N LEU C 109 -12.96 0.11 19.24
CA LEU C 109 -14.35 0.20 18.85
C LEU C 109 -15.21 -0.63 19.78
N LYS C 110 -16.23 0.00 20.34
CA LYS C 110 -17.25 -0.69 21.13
C LYS C 110 -18.51 -0.75 20.28
N VAL C 111 -19.14 -1.91 20.21
CA VAL C 111 -20.36 -2.11 19.45
C VAL C 111 -21.48 -2.39 20.45
N LEU C 112 -22.50 -1.52 20.43
CA LEU C 112 -23.58 -1.55 21.41
C LEU C 112 -24.75 -2.35 20.87
N ALA C 113 -25.35 -3.15 21.75
CA ALA C 113 -26.54 -3.89 21.37
C ALA C 113 -27.75 -2.96 21.29
N ASN C 114 -28.61 -3.21 20.32
CA ASN C 114 -29.87 -2.50 20.21
C ASN C 114 -30.88 -3.17 21.15
N ILE C 115 -31.13 -2.55 22.29
CA ILE C 115 -32.05 -3.13 23.28
C ILE C 115 -33.47 -2.72 22.90
N GLN C 116 -34.25 -3.68 22.38
CA GLN C 116 -35.60 -3.35 21.93
C GLN C 116 -36.49 -2.93 23.09
N ASN C 117 -36.40 -3.62 24.23
CA ASN C 117 -37.25 -3.34 25.39
C ASN C 117 -36.42 -3.34 26.67
N PRO C 118 -35.74 -2.22 26.95
CA PRO C 118 -34.94 -2.14 28.18
C PRO C 118 -35.80 -2.42 29.41
N ASP C 119 -35.30 -3.29 30.28
CA ASP C 119 -36.05 -3.73 31.45
C ASP C 119 -35.10 -3.78 32.65
N PRO C 120 -34.47 -2.66 32.99
CA PRO C 120 -33.34 -2.73 33.95
C PRO C 120 -33.78 -3.27 35.30
N ALA C 121 -32.97 -4.18 35.84
CA ALA C 121 -33.25 -4.80 37.13
C ALA C 121 -31.94 -5.21 37.78
N VAL C 122 -32.00 -5.39 39.09
CA VAL C 122 -30.91 -5.96 39.87
C VAL C 122 -31.46 -7.19 40.59
N TYR C 123 -30.95 -8.36 40.24
CA TYR C 123 -31.42 -9.58 40.85
C TYR C 123 -30.35 -10.17 41.79
N GLN C 124 -30.80 -10.93 42.77
CA GLN C 124 -29.93 -11.70 43.65
C GLN C 124 -29.93 -13.19 43.27
N LEU C 125 -28.73 -13.76 43.10
CA LEU C 125 -28.55 -15.16 42.74
C LEU C 125 -27.87 -15.93 43.88
N ARG C 126 -28.46 -17.05 44.32
CA ARG C 126 -27.87 -17.79 45.43
C ARG C 126 -26.86 -18.84 44.93
N ASP C 127 -25.94 -19.23 45.82
CA ASP C 127 -24.91 -20.21 45.46
C ASP C 127 -25.54 -21.56 45.17
N SER C 128 -25.01 -22.25 44.15
CA SER C 128 -25.47 -23.59 43.78
C SER C 128 -25.06 -24.64 44.83
N LYS C 129 -23.78 -24.71 45.17
CA LYS C 129 -23.28 -25.62 46.21
C LYS C 129 -23.47 -24.94 47.56
N SER C 130 -24.64 -25.15 48.15
CA SER C 130 -24.97 -24.64 49.48
C SER C 130 -24.37 -23.24 49.69
N SER C 131 -23.79 -23.00 50.87
CA SER C 131 -23.10 -21.74 51.18
C SER C 131 -24.08 -20.61 51.49
N ASP C 132 -23.56 -19.58 52.16
CA ASP C 132 -24.30 -18.35 52.41
C ASP C 132 -23.96 -17.26 51.41
N LYS C 133 -23.18 -17.57 50.37
CA LYS C 133 -22.65 -16.59 49.44
C LYS C 133 -23.63 -16.34 48.29
N SER C 134 -23.54 -15.14 47.70
CA SER C 134 -24.33 -14.85 46.50
C SER C 134 -23.80 -13.62 45.78
N VAL C 135 -24.24 -13.47 44.53
CA VAL C 135 -23.84 -12.36 43.68
C VAL C 135 -25.09 -11.54 43.35
N CYS C 136 -24.85 -10.34 42.84
CA CYS C 136 -25.90 -9.44 42.40
C CYS C 136 -25.72 -9.19 40.90
N LEU C 137 -26.82 -9.27 40.15
CA LEU C 137 -26.80 -9.20 38.68
C LEU C 137 -27.60 -7.97 38.24
N PHE C 138 -26.90 -6.99 37.66
CA PHE C 138 -27.54 -5.84 37.03
C PHE C 138 -27.70 -6.20 35.54
N THR C 139 -28.94 -6.21 35.05
CA THR C 139 -29.18 -6.76 33.73
C THR C 139 -30.35 -6.05 33.06
N ASP C 140 -30.40 -6.15 31.72
CA ASP C 140 -31.49 -5.72 30.85
C ASP C 140 -31.58 -4.21 30.71
N PHE C 141 -30.49 -3.52 31.00
CA PHE C 141 -30.43 -2.09 30.86
C PHE C 141 -30.04 -1.69 29.44
N ASP C 142 -30.39 -0.46 29.10
CA ASP C 142 -30.08 0.12 27.80
C ASP C 142 -28.57 0.28 27.62
N SER C 143 -28.10 0.21 26.36
CA SER C 143 -26.67 0.16 26.10
C SER C 143 -25.94 1.48 26.38
N GLN C 144 -26.66 2.58 26.55
CA GLN C 144 -25.98 3.81 26.97
C GLN C 144 -25.47 3.74 28.41
N THR C 145 -25.97 2.81 29.23
CA THR C 145 -25.58 2.77 30.63
C THR C 145 -24.14 2.30 30.78
N ASN C 146 -23.38 3.02 31.60
CA ASN C 146 -22.05 2.61 32.01
C ASN C 146 -22.14 2.06 33.42
N VAL C 147 -21.35 1.04 33.71
CA VAL C 147 -21.30 0.49 35.06
C VAL C 147 -19.97 0.90 35.66
N SER C 148 -20.03 1.69 36.73
CA SER C 148 -18.83 2.19 37.38
C SER C 148 -18.32 1.17 38.38
N GLN C 149 -17.01 1.24 38.66
CA GLN C 149 -16.39 0.32 39.60
C GLN C 149 -16.81 0.66 41.03
N SER C 150 -16.40 -0.17 41.98
CA SER C 150 -16.74 0.07 43.38
C SER C 150 -15.61 0.82 44.08
N LYS C 151 -16.00 1.80 44.91
CA LYS C 151 -15.07 2.49 45.80
C LYS C 151 -14.83 1.73 47.11
N ASP C 152 -14.99 0.41 47.10
CA ASP C 152 -14.89 -0.41 48.30
C ASP C 152 -13.94 -1.56 48.02
N SER C 153 -12.96 -1.74 48.90
CA SER C 153 -11.88 -2.70 48.64
C SER C 153 -12.40 -4.13 48.54
N ASP C 154 -13.40 -4.48 49.34
CA ASP C 154 -13.90 -5.86 49.39
C ASP C 154 -15.18 -6.06 48.56
N VAL C 155 -15.45 -5.18 47.60
CA VAL C 155 -16.62 -5.25 46.72
C VAL C 155 -16.13 -5.23 45.27
N TYR C 156 -16.46 -6.26 44.50
CA TYR C 156 -16.00 -6.39 43.12
C TYR C 156 -17.17 -6.17 42.17
N ILE C 157 -16.97 -5.32 41.18
CA ILE C 157 -18.00 -5.02 40.19
C ILE C 157 -17.37 -5.22 38.81
N THR C 158 -17.97 -6.11 38.00
CA THR C 158 -17.44 -6.32 36.66
C THR C 158 -17.98 -5.28 35.69
N ASP C 159 -17.43 -5.28 34.49
CA ASP C 159 -17.88 -4.34 33.48
C ASP C 159 -19.07 -4.91 32.71
N LYS C 160 -19.80 -4.03 32.05
CA LYS C 160 -20.93 -4.44 31.21
C LYS C 160 -20.49 -5.52 30.23
N CYS C 161 -21.43 -6.38 29.85
CA CYS C 161 -21.14 -7.51 28.98
C CYS C 161 -22.43 -7.90 28.30
N VAL C 162 -22.40 -8.11 26.99
CA VAL C 162 -23.62 -8.35 26.22
C VAL C 162 -23.61 -9.80 25.77
N LEU C 163 -24.72 -10.48 25.99
CA LEU C 163 -24.91 -11.84 25.56
C LEU C 163 -26.04 -11.90 24.53
N ASP C 164 -25.97 -12.90 23.67
CA ASP C 164 -26.83 -13.03 22.50
C ASP C 164 -27.47 -14.41 22.55
N MET C 165 -28.76 -14.43 22.86
CA MET C 165 -29.54 -15.67 22.81
C MET C 165 -30.00 -15.82 21.37
N ARG C 166 -29.16 -16.47 20.55
CA ARG C 166 -29.29 -16.37 19.10
C ARG C 166 -30.63 -16.93 18.61
N SER C 167 -31.05 -18.07 19.16
CA SER C 167 -32.30 -18.69 18.70
C SER C 167 -33.50 -17.79 18.94
N MET C 168 -33.46 -16.95 19.97
CA MET C 168 -34.57 -16.07 20.30
C MET C 168 -34.45 -14.69 19.69
N ASP C 169 -33.35 -14.38 19.04
CA ASP C 169 -33.10 -13.02 18.54
C ASP C 169 -33.28 -12.00 19.67
N PHE C 170 -32.62 -12.25 20.80
CA PHE C 170 -32.71 -11.42 21.98
C PHE C 170 -31.30 -11.16 22.51
N LYS C 171 -31.00 -9.90 22.83
CA LYS C 171 -29.72 -9.53 23.40
C LYS C 171 -29.94 -8.75 24.68
N SER C 172 -28.99 -8.86 25.61
CA SER C 172 -29.12 -8.22 26.91
C SER C 172 -27.73 -7.88 27.44
N ASN C 173 -27.65 -6.74 28.11
CA ASN C 173 -26.44 -6.31 28.82
C ASN C 173 -26.50 -6.77 30.28
N SER C 174 -25.34 -6.89 30.91
CA SER C 174 -25.32 -7.25 32.32
C SER C 174 -23.97 -6.95 32.91
N ALA C 175 -24.00 -6.58 34.20
CA ALA C 175 -22.83 -6.49 35.05
C ALA C 175 -23.07 -7.28 36.33
N VAL C 176 -22.00 -7.76 36.95
CA VAL C 176 -22.06 -8.59 38.14
C VAL C 176 -21.29 -7.90 39.25
N ALA C 177 -21.72 -8.16 40.49
CA ALA C 177 -21.11 -7.57 41.68
C ALA C 177 -21.18 -8.58 42.80
N TRP C 178 -20.12 -8.67 43.59
CA TRP C 178 -20.12 -9.60 44.69
C TRP C 178 -19.22 -9.10 45.80
N SER C 179 -19.28 -9.80 46.93
CA SER C 179 -18.56 -9.35 48.12
C SER C 179 -18.69 -10.40 49.21
N ASN C 180 -17.68 -10.46 50.07
CA ASN C 180 -17.74 -11.26 51.27
C ASN C 180 -18.25 -10.48 52.48
N LYS C 181 -18.33 -9.15 52.39
CA LYS C 181 -18.78 -8.31 53.50
C LYS C 181 -20.23 -8.60 53.91
N SER C 182 -20.52 -8.35 55.19
CA SER C 182 -21.82 -8.65 55.78
C SER C 182 -22.85 -7.54 55.56
N ASP C 183 -22.39 -6.31 55.32
CA ASP C 183 -23.25 -5.20 54.94
C ASP C 183 -23.43 -5.07 53.42
N PHE C 184 -23.12 -6.13 52.66
CA PHE C 184 -23.27 -6.11 51.22
C PHE C 184 -24.65 -6.63 50.84
N ALA C 185 -25.41 -5.83 50.12
CA ALA C 185 -26.72 -6.24 49.67
C ALA C 185 -26.97 -5.64 48.28
N CYS C 186 -27.85 -6.30 47.53
CA CYS C 186 -28.03 -5.94 46.12
C CYS C 186 -28.63 -4.55 45.96
N ALA C 187 -29.30 -4.03 46.99
CA ALA C 187 -29.91 -2.72 46.87
C ALA C 187 -28.86 -1.62 46.83
N ASN C 188 -27.68 -1.87 47.40
CA ASN C 188 -26.61 -0.89 47.39
C ASN C 188 -25.36 -1.32 46.61
N ALA C 189 -25.39 -2.50 45.97
CA ALA C 189 -24.18 -3.04 45.35
C ALA C 189 -23.67 -2.17 44.20
N PHE C 190 -24.57 -1.50 43.47
CA PHE C 190 -24.23 -0.67 42.32
C PHE C 190 -24.39 0.80 42.68
N ASN C 191 -23.66 1.66 41.96
CA ASN C 191 -23.63 3.10 42.24
C ASN C 191 -24.92 3.74 41.76
N ASN C 192 -25.71 4.27 42.70
CA ASN C 192 -27.03 4.78 42.36
C ASN C 192 -27.00 5.77 41.20
N SER C 193 -25.82 6.33 40.89
CA SER C 193 -25.69 7.29 39.80
C SER C 193 -25.72 6.60 38.42
N ILE C 194 -25.23 5.38 38.30
CA ILE C 194 -25.32 4.72 36.99
C ILE C 194 -26.68 4.07 36.78
N ILE C 195 -27.46 3.86 37.84
CA ILE C 195 -28.69 3.08 37.79
C ILE C 195 -29.87 3.90 37.27
N PRO C 196 -30.51 3.48 36.18
CA PRO C 196 -31.72 4.19 35.73
C PRO C 196 -32.75 4.36 36.85
N GLU C 197 -33.64 5.33 36.69
CA GLU C 197 -34.64 5.61 37.72
C GLU C 197 -35.65 4.47 37.85
N ASP C 198 -36.11 3.91 36.73
CA ASP C 198 -37.14 2.87 36.79
C ASP C 198 -36.56 1.46 37.06
N THR C 199 -35.29 1.34 37.46
CA THR C 199 -34.71 0.03 37.70
C THR C 199 -35.55 -0.77 38.69
N PHE C 200 -35.78 -2.02 38.35
CA PHE C 200 -36.59 -2.94 39.16
C PHE C 200 -35.71 -3.53 40.24
N PHE C 201 -36.00 -3.22 41.50
CA PHE C 201 -35.37 -3.97 42.57
C PHE C 201 -36.44 -4.85 43.17
N PRO C 202 -36.38 -6.16 43.00
CA PRO C 202 -37.46 -7.03 43.48
C PRO C 202 -37.38 -7.23 45.00
N SER C 203 -38.39 -7.95 45.51
CA SER C 203 -38.46 -8.24 46.94
C SER C 203 -37.24 -9.05 47.38
N PRO C 204 -36.55 -8.63 48.42
CA PRO C 204 -35.45 -9.44 48.96
C PRO C 204 -35.94 -10.62 49.79
N GLU C 205 -36.93 -11.35 49.26
CA GLU C 205 -37.65 -12.41 49.99
C GLU C 205 -36.73 -13.46 50.63
N GLY D 4 0.10 -21.07 9.48
CA GLY D 4 1.18 -20.17 9.13
C GLY D 4 2.25 -19.96 10.19
N ILE D 5 1.94 -19.21 11.24
CA ILE D 5 2.92 -18.85 12.26
C ILE D 5 2.51 -19.53 13.56
N THR D 6 3.47 -20.16 14.23
CA THR D 6 3.22 -20.96 15.41
C THR D 6 3.97 -20.38 16.60
N GLN D 7 3.28 -20.33 17.75
CA GLN D 7 3.86 -19.79 18.99
C GLN D 7 3.48 -20.72 20.15
N SER D 8 4.25 -21.78 20.33
CA SER D 8 4.01 -22.70 21.45
C SER D 8 4.87 -22.34 22.65
N PRO D 9 4.26 -22.30 23.85
CA PRO D 9 2.85 -22.58 24.08
C PRO D 9 2.04 -21.31 24.33
N LYS D 10 0.70 -21.46 24.40
CA LYS D 10 -0.17 -20.32 24.61
C LYS D 10 0.17 -19.59 25.90
N TYR D 11 0.55 -20.33 26.94
CA TYR D 11 0.80 -19.75 28.24
C TYR D 11 2.19 -20.12 28.75
N LEU D 12 2.83 -19.18 29.45
CA LEU D 12 4.21 -19.36 29.90
C LEU D 12 4.41 -18.66 31.24
N PHE D 13 4.89 -19.42 32.23
CA PHE D 13 5.04 -18.92 33.59
C PHE D 13 6.44 -19.24 34.12
N ARG D 14 7.07 -18.26 34.75
CA ARG D 14 8.43 -18.42 35.23
C ARG D 14 8.64 -17.51 36.44
N LYS D 15 9.54 -17.92 37.32
CA LYS D 15 9.88 -17.13 38.50
C LYS D 15 10.94 -16.09 38.13
N GLU D 16 10.84 -14.93 38.77
CA GLU D 16 11.76 -13.80 38.61
C GLU D 16 13.21 -14.23 38.39
N GLY D 17 13.97 -13.44 37.63
CA GLY D 17 15.39 -13.69 37.47
C GLY D 17 15.77 -14.99 36.77
N GLN D 18 14.80 -15.75 36.28
CA GLN D 18 15.05 -16.90 35.45
C GLN D 18 14.88 -16.49 33.98
N ASN D 19 15.76 -16.99 33.11
CA ASN D 19 15.70 -16.62 31.71
C ASN D 19 14.78 -17.59 30.97
N VAL D 20 14.20 -17.10 29.86
CA VAL D 20 13.25 -17.90 29.10
C VAL D 20 13.25 -17.40 27.66
N THR D 21 12.97 -18.33 26.73
CA THR D 21 13.07 -18.08 25.31
C THR D 21 11.76 -18.54 24.66
N LEU D 22 10.99 -17.60 24.11
CA LEU D 22 9.74 -17.93 23.43
C LEU D 22 9.99 -18.22 21.96
N SER D 23 9.28 -19.20 21.44
CA SER D 23 9.50 -19.71 20.09
C SER D 23 8.62 -19.01 19.07
N CYS D 24 9.16 -18.86 17.86
CA CYS D 24 8.36 -18.45 16.71
C CYS D 24 8.80 -19.27 15.50
N GLU D 25 7.87 -20.07 14.98
CA GLU D 25 8.10 -20.89 13.82
C GLU D 25 7.06 -20.55 12.76
N GLN D 26 7.53 -20.21 11.56
CA GLN D 26 6.69 -19.93 10.40
C GLN D 26 6.97 -20.94 9.31
N ASN D 27 5.91 -21.44 8.67
CA ASN D 27 6.10 -22.39 7.58
C ASN D 27 6.21 -21.72 6.20
N LEU D 28 5.43 -20.68 5.92
CA LEU D 28 5.53 -19.96 4.66
C LEU D 28 6.87 -19.23 4.55
N ASN D 29 7.20 -18.75 3.36
CA ASN D 29 8.59 -18.43 3.02
C ASN D 29 8.86 -16.93 3.11
N HIS D 30 8.69 -16.36 4.30
CA HIS D 30 8.85 -14.92 4.49
C HIS D 30 10.20 -14.62 5.13
N ASP D 31 10.84 -13.55 4.64
CA ASP D 31 12.18 -13.20 5.10
C ASP D 31 12.14 -12.40 6.39
N ALA D 32 11.31 -11.36 6.44
CA ALA D 32 11.24 -10.49 7.61
C ALA D 32 10.40 -11.14 8.72
N MET D 33 10.87 -10.99 9.95
CA MET D 33 10.19 -11.48 11.14
C MET D 33 10.24 -10.43 12.25
N TYR D 34 9.21 -10.44 13.11
CA TYR D 34 9.00 -9.40 14.09
C TYR D 34 8.62 -10.00 15.45
N TRP D 35 9.02 -9.30 16.52
CA TRP D 35 8.59 -9.61 17.87
C TRP D 35 7.97 -8.35 18.45
N TYR D 36 6.71 -8.46 18.86
CA TYR D 36 6.02 -7.36 19.51
C TYR D 36 5.68 -7.74 20.94
N ARG D 37 5.52 -6.71 21.75
CA ARG D 37 5.20 -6.82 23.16
C ARG D 37 3.99 -5.94 23.43
N GLN D 38 2.98 -6.48 24.10
CA GLN D 38 1.75 -5.73 24.39
C GLN D 38 1.38 -5.90 25.85
N ASP D 39 1.11 -4.83 26.49
CA ASP D 39 0.66 -4.72 27.87
C ASP D 39 -0.85 -4.50 27.92
N PRO D 40 -1.52 -5.05 28.95
CA PRO D 40 -2.98 -4.92 29.04
C PRO D 40 -3.48 -3.52 28.72
N GLY D 41 -4.42 -3.44 27.76
CA GLY D 41 -5.02 -2.18 27.37
C GLY D 41 -4.06 -1.24 26.67
N GLN D 42 -2.87 -1.75 26.35
CA GLN D 42 -1.83 -0.98 25.68
C GLN D 42 -1.71 -1.39 24.22
N GLY D 43 -0.99 -0.57 23.45
CA GLY D 43 -0.71 -0.87 22.06
C GLY D 43 0.47 -1.83 21.90
N LEU D 44 0.72 -2.21 20.65
CA LEU D 44 1.87 -3.05 20.36
C LEU D 44 3.13 -2.21 20.35
N ARG D 45 4.17 -2.68 21.06
CA ARG D 45 5.49 -2.05 21.04
C ARG D 45 6.51 -3.01 20.43
N LEU D 46 7.27 -2.55 19.43
CA LEU D 46 8.19 -3.42 18.70
C LEU D 46 9.48 -3.68 19.50
N ILE D 47 9.87 -4.95 19.58
CA ILE D 47 11.05 -5.38 20.33
C ILE D 47 12.26 -5.52 19.40
N TYR D 48 12.17 -6.47 18.47
CA TYR D 48 13.26 -6.87 17.60
C TYR D 48 12.66 -7.28 16.26
N TYR D 49 13.33 -6.92 15.16
CA TYR D 49 12.89 -7.38 13.85
C TYR D 49 14.09 -7.84 13.04
N SER D 50 13.84 -8.83 12.19
CA SER D 50 14.89 -9.44 11.37
C SER D 50 14.45 -9.40 9.90
N GLN D 51 15.02 -8.45 9.14
CA GLN D 51 14.68 -8.33 7.72
C GLN D 51 15.06 -9.60 6.96
N ILE D 52 16.05 -10.34 7.45
CA ILE D 52 16.55 -11.53 6.76
C ILE D 52 17.48 -12.28 7.71
N VAL D 53 17.68 -13.58 7.46
CA VAL D 53 18.55 -14.44 8.26
C VAL D 53 19.86 -13.75 8.60
N ASN D 54 20.45 -14.10 9.74
CA ASN D 54 21.70 -13.55 10.27
C ASN D 54 21.62 -12.07 10.60
N ASP D 55 20.50 -11.42 10.32
CA ASP D 55 20.34 -9.99 10.57
C ASP D 55 19.23 -9.76 11.59
N PHE D 56 19.39 -8.70 12.38
CA PHE D 56 18.32 -8.26 13.25
C PHE D 56 18.66 -6.88 13.80
N GLN D 57 17.66 -6.01 13.86
CA GLN D 57 17.80 -4.66 14.35
C GLN D 57 16.90 -4.45 15.56
N LYS D 58 17.31 -3.55 16.45
CA LYS D 58 16.61 -3.36 17.71
C LYS D 58 15.45 -2.37 17.56
N GLY D 59 14.26 -2.79 17.97
CA GLY D 59 13.12 -1.90 18.12
C GLY D 59 13.24 -1.02 19.36
N ASP D 60 12.20 -0.22 19.58
CA ASP D 60 12.29 0.84 20.59
C ASP D 60 12.47 0.34 22.02
N ILE D 61 12.28 -0.95 22.29
CA ILE D 61 12.43 -1.47 23.65
C ILE D 61 13.07 -2.84 23.58
N ALA D 62 14.32 -2.89 23.15
CA ALA D 62 15.06 -4.14 23.13
C ALA D 62 15.89 -4.33 24.40
N GLU D 63 16.02 -3.28 25.20
CA GLU D 63 16.72 -3.38 26.48
C GLU D 63 16.18 -4.55 27.27
N GLY D 64 17.01 -5.54 27.50
CA GLY D 64 16.64 -6.72 28.25
C GLY D 64 16.36 -7.92 27.40
N TYR D 65 16.20 -7.73 26.09
CA TYR D 65 15.85 -8.79 25.16
C TYR D 65 17.03 -9.11 24.26
N SER D 66 17.09 -10.37 23.83
CA SER D 66 18.05 -10.88 22.87
C SER D 66 17.33 -11.71 21.84
N VAL D 67 17.89 -11.79 20.63
CA VAL D 67 17.26 -12.47 19.51
C VAL D 67 18.34 -13.12 18.64
N SER D 68 17.92 -14.09 17.82
CA SER D 68 18.81 -14.83 16.94
C SER D 68 18.06 -15.21 15.67
N ARG D 69 18.78 -15.21 14.53
CA ARG D 69 18.17 -15.64 13.24
C ARG D 69 19.15 -16.53 12.49
N GLU D 70 19.13 -17.83 12.82
CA GLU D 70 20.02 -18.79 12.19
C GLU D 70 19.38 -19.46 10.98
N LYS D 71 18.11 -19.84 11.10
CA LYS D 71 17.33 -20.31 9.98
C LYS D 71 16.29 -19.26 9.62
N LYS D 72 15.70 -19.39 8.43
CA LYS D 72 14.69 -18.43 7.98
C LYS D 72 13.29 -18.77 8.48
N GLU D 73 13.09 -19.96 9.07
CA GLU D 73 11.79 -20.35 9.58
C GLU D 73 11.66 -20.19 11.09
N SER D 74 12.65 -19.56 11.74
CA SER D 74 12.67 -19.55 13.19
C SER D 74 13.30 -18.24 13.67
N PHE D 75 12.75 -17.71 14.76
CA PHE D 75 13.13 -16.38 15.26
C PHE D 75 12.87 -16.33 16.76
N PRO D 76 13.83 -16.81 17.58
CA PRO D 76 13.57 -16.94 19.02
C PRO D 76 13.86 -15.69 19.84
N LEU D 77 12.94 -15.33 20.72
CA LEU D 77 13.12 -14.18 21.60
C LEU D 77 13.51 -14.65 22.99
N THR D 78 14.47 -13.95 23.59
CA THR D 78 14.96 -14.28 24.92
C THR D 78 14.72 -13.09 25.83
N VAL D 79 14.17 -13.35 27.03
CA VAL D 79 13.91 -12.34 28.04
C VAL D 79 14.90 -12.53 29.19
N THR D 80 15.39 -11.41 29.73
CA THR D 80 16.34 -11.41 30.85
C THR D 80 16.17 -10.17 31.73
N LYS D 84 13.19 -6.34 32.84
CA LYS D 84 12.78 -5.40 33.89
C LYS D 84 11.28 -5.53 34.20
N ASN D 85 10.49 -5.70 33.14
CA ASN D 85 9.04 -5.89 33.25
C ASN D 85 8.64 -6.96 32.27
N PRO D 86 9.12 -8.19 32.49
CA PRO D 86 8.99 -9.23 31.45
C PRO D 86 7.58 -9.72 31.19
N THR D 87 6.63 -9.56 32.13
CA THR D 87 5.33 -10.19 31.94
C THR D 87 4.48 -9.35 30.97
N ALA D 88 3.96 -10.02 29.93
CA ALA D 88 3.23 -9.34 28.86
C ALA D 88 2.77 -10.33 27.79
N PHE D 89 2.08 -9.80 26.78
CA PHE D 89 1.59 -10.57 25.65
C PHE D 89 2.59 -10.40 24.50
N TYR D 90 3.18 -11.50 24.06
CA TYR D 90 4.27 -11.46 23.09
C TYR D 90 3.79 -12.00 21.75
N LEU D 91 3.89 -11.17 20.72
CA LEU D 91 3.34 -11.49 19.40
C LEU D 91 4.45 -11.51 18.37
N CYS D 92 4.46 -12.56 17.58
CA CYS D 92 5.42 -12.76 16.50
C CYS D 92 4.72 -12.54 15.16
N ALA D 93 5.45 -11.97 14.21
CA ALA D 93 4.85 -11.62 12.92
C ALA D 93 5.83 -11.88 11.78
N THR D 94 5.28 -12.08 10.59
CA THR D 94 6.07 -12.11 9.35
C THR D 94 5.58 -11.06 8.37
N SER D 95 6.40 -10.82 7.34
CA SER D 95 6.16 -9.78 6.35
C SER D 95 6.40 -10.32 4.95
N VAL D 96 5.55 -9.93 4.00
CA VAL D 96 5.79 -10.26 2.60
C VAL D 96 6.29 -9.02 1.87
N GLY D 97 6.50 -9.13 0.56
CA GLY D 97 6.90 -8.00 -0.25
C GLY D 97 5.71 -7.08 -0.52
N ARG D 98 5.96 -6.08 -1.37
CA ARG D 98 4.92 -5.11 -1.74
C ARG D 98 3.59 -5.85 -2.03
N PRO D 99 2.47 -5.37 -1.45
CA PRO D 99 2.24 -4.15 -0.65
C PRO D 99 2.55 -4.27 0.84
N TYR D 100 3.28 -5.31 1.21
CA TYR D 100 3.94 -5.40 2.52
C TYR D 100 3.00 -5.69 3.69
N GLU D 101 2.03 -6.57 3.53
CA GLU D 101 1.16 -6.89 4.65
C GLU D 101 1.88 -7.80 5.66
N GLN D 102 1.47 -7.65 6.92
CA GLN D 102 2.04 -8.38 8.04
C GLN D 102 1.09 -9.50 8.47
N TYR D 103 1.67 -10.59 8.94
CA TYR D 103 0.92 -11.72 9.48
C TYR D 103 1.42 -12.02 10.89
N PHE D 104 0.50 -12.39 11.77
CA PHE D 104 0.78 -12.51 13.20
C PHE D 104 0.52 -13.91 13.69
N GLY D 105 1.41 -14.38 14.57
CA GLY D 105 1.13 -15.55 15.36
C GLY D 105 -0.06 -15.35 16.28
N PRO D 106 -0.49 -16.43 16.94
CA PRO D 106 -1.57 -16.32 17.93
C PRO D 106 -1.13 -15.68 19.23
N GLY D 107 0.15 -15.48 19.44
CA GLY D 107 0.65 -14.80 20.64
C GLY D 107 0.84 -15.74 21.81
N THR D 108 1.85 -15.43 22.62
CA THR D 108 2.13 -16.15 23.85
C THR D 108 1.98 -15.23 25.06
N ARG D 109 1.42 -15.79 26.11
CA ARG D 109 1.14 -15.09 27.35
C ARG D 109 2.26 -15.43 28.34
N LEU D 110 2.99 -14.42 28.82
CA LEU D 110 4.10 -14.65 29.75
C LEU D 110 3.92 -13.86 31.04
N THR D 111 3.94 -14.56 32.16
CA THR D 111 3.83 -13.94 33.48
C THR D 111 5.00 -14.39 34.34
N VAL D 112 5.60 -13.43 35.04
CA VAL D 112 6.80 -13.64 35.83
C VAL D 112 6.50 -13.28 37.28
N THR D 113 6.73 -14.23 38.18
CA THR D 113 6.32 -14.08 39.57
C THR D 113 7.51 -13.84 40.48
N GLU D 114 7.27 -12.98 41.49
CA GLU D 114 8.23 -12.82 42.58
C GLU D 114 8.41 -14.10 43.41
N ASP D 115 7.54 -15.10 43.24
CA ASP D 115 7.61 -16.29 44.09
C ASP D 115 6.57 -17.35 43.71
N LEU D 116 7.03 -18.58 43.45
CA LEU D 116 6.15 -19.69 43.14
C LEU D 116 5.07 -19.91 44.20
N LYS D 117 5.22 -19.34 45.39
CA LYS D 117 4.18 -19.51 46.41
C LYS D 117 2.92 -18.74 46.05
N ASN D 118 3.06 -17.71 45.20
CA ASN D 118 1.98 -16.83 44.75
C ASN D 118 0.98 -17.55 43.84
N VAL D 119 1.31 -18.72 43.33
CA VAL D 119 0.46 -19.44 42.40
C VAL D 119 -0.71 -20.11 43.12
N PHE D 120 -1.93 -19.73 42.75
CA PHE D 120 -3.13 -20.37 43.26
C PHE D 120 -4.06 -20.72 42.12
N PRO D 121 -4.66 -21.91 42.13
CA PRO D 121 -5.67 -22.21 41.13
C PRO D 121 -6.94 -21.45 41.46
N PRO D 122 -7.89 -21.43 40.54
CA PRO D 122 -9.14 -20.72 40.80
C PRO D 122 -10.07 -21.56 41.66
N GLU D 123 -10.85 -20.86 42.48
CA GLU D 123 -12.07 -21.45 43.01
C GLU D 123 -13.20 -21.09 42.07
N VAL D 124 -14.08 -22.05 41.81
CA VAL D 124 -15.17 -21.89 40.85
C VAL D 124 -16.49 -22.19 41.55
N ALA D 125 -17.45 -21.28 41.37
CA ALA D 125 -18.80 -21.42 41.90
C ALA D 125 -19.81 -20.95 40.87
N VAL D 126 -20.93 -21.65 40.80
CA VAL D 126 -22.05 -21.30 39.92
C VAL D 126 -23.20 -20.83 40.79
N PHE D 127 -23.87 -19.76 40.35
CA PHE D 127 -24.93 -19.11 41.12
C PHE D 127 -26.25 -19.21 40.34
N GLU D 128 -27.27 -19.76 40.98
CA GLU D 128 -28.46 -20.15 40.23
C GLU D 128 -29.36 -18.96 39.91
N PRO D 129 -30.17 -19.07 38.86
CA PRO D 129 -31.07 -17.98 38.48
C PRO D 129 -31.94 -17.52 39.65
N SER D 130 -32.27 -16.24 39.63
CA SER D 130 -33.19 -15.67 40.60
C SER D 130 -34.64 -15.95 40.20
N GLU D 131 -35.47 -16.28 41.19
CA GLU D 131 -36.89 -16.48 40.91
C GLU D 131 -37.56 -15.17 40.51
N ALA D 132 -37.04 -14.02 40.96
CA ALA D 132 -37.61 -12.76 40.49
C ALA D 132 -37.35 -12.56 39.00
N GLU D 133 -36.18 -12.98 38.52
CA GLU D 133 -35.87 -12.83 37.09
C GLU D 133 -36.75 -13.75 36.25
N ILE D 134 -36.87 -15.01 36.67
CA ILE D 134 -37.75 -15.96 35.97
C ILE D 134 -39.16 -15.40 35.88
N SER D 135 -39.74 -15.00 37.01
CA SER D 135 -41.10 -14.44 37.01
C SER D 135 -41.20 -13.22 36.12
N HIS D 136 -40.23 -12.31 36.22
CA HIS D 136 -40.35 -11.01 35.55
C HIS D 136 -40.08 -11.12 34.05
N THR D 137 -39.14 -11.94 33.61
CA THR D 137 -38.70 -11.94 32.22
C THR D 137 -38.93 -13.26 31.48
N GLN D 138 -39.30 -14.32 32.19
CA GLN D 138 -39.36 -15.66 31.59
C GLN D 138 -37.99 -16.12 31.09
N LYS D 139 -36.93 -15.59 31.66
CA LYS D 139 -35.58 -16.02 31.34
C LYS D 139 -34.85 -16.27 32.65
N ALA D 140 -33.69 -16.88 32.54
CA ALA D 140 -32.99 -17.38 33.71
C ALA D 140 -31.49 -17.30 33.45
N THR D 141 -30.78 -16.47 34.23
CA THR D 141 -29.35 -16.24 34.07
C THR D 141 -28.59 -16.95 35.18
N LEU D 142 -27.67 -17.83 34.78
CA LEU D 142 -26.67 -18.37 35.69
C LEU D 142 -25.43 -17.50 35.60
N VAL D 143 -24.76 -17.30 36.73
CA VAL D 143 -23.50 -16.59 36.80
C VAL D 143 -22.45 -17.57 37.30
N CYS D 144 -21.29 -17.59 36.66
CA CYS D 144 -20.14 -18.34 37.14
C CYS D 144 -19.07 -17.39 37.62
N LEU D 145 -18.50 -17.71 38.79
CA LEU D 145 -17.47 -16.90 39.42
C LEU D 145 -16.22 -17.75 39.58
N ALA D 146 -15.11 -17.26 39.04
CA ALA D 146 -13.80 -17.87 39.21
C ALA D 146 -12.95 -16.87 39.98
N THR D 147 -12.49 -17.25 41.17
CA THR D 147 -11.84 -16.30 42.06
C THR D 147 -10.53 -16.86 42.61
N GLY D 148 -9.67 -15.93 43.03
CA GLY D 148 -8.48 -16.26 43.79
C GLY D 148 -7.33 -16.90 43.03
N PHE D 149 -7.29 -16.83 41.70
CA PHE D 149 -6.24 -17.52 40.95
C PHE D 149 -5.08 -16.59 40.58
N TYR D 150 -3.90 -17.16 40.49
CA TYR D 150 -2.68 -16.49 40.01
C TYR D 150 -1.81 -17.57 39.41
N PRO D 151 -1.26 -17.32 38.22
CA PRO D 151 -1.46 -16.13 37.38
C PRO D 151 -2.83 -16.12 36.68
N ASP D 152 -3.12 -15.04 35.94
CA ASP D 152 -4.39 -14.93 35.22
C ASP D 152 -4.30 -15.61 33.85
N HIS D 153 -4.03 -16.92 33.88
CA HIS D 153 -3.95 -17.75 32.68
C HIS D 153 -5.08 -18.77 32.78
N VAL D 154 -6.29 -18.38 32.37
CA VAL D 154 -7.48 -19.22 32.51
C VAL D 154 -8.32 -19.17 31.22
N GLU D 155 -9.07 -20.25 31.01
CA GLU D 155 -10.03 -20.37 29.91
C GLU D 155 -11.34 -20.92 30.45
N LEU D 156 -12.39 -20.11 30.40
CA LEU D 156 -13.70 -20.44 30.98
C LEU D 156 -14.69 -20.78 29.89
N SER D 157 -15.31 -21.95 30.00
CA SER D 157 -16.33 -22.38 29.07
C SER D 157 -17.56 -22.85 29.86
N TRP D 158 -18.67 -22.94 29.15
CA TRP D 158 -19.92 -23.45 29.69
C TRP D 158 -20.35 -24.70 28.93
N TRP D 159 -20.86 -25.68 29.67
CA TRP D 159 -21.24 -26.97 29.13
C TRP D 159 -22.65 -27.28 29.60
N VAL D 160 -23.55 -27.55 28.66
CA VAL D 160 -24.96 -27.83 28.93
C VAL D 160 -25.27 -29.22 28.39
N ASN D 161 -25.66 -30.11 29.30
CA ASN D 161 -25.95 -31.49 28.96
C ASN D 161 -24.76 -32.12 28.21
N GLY D 162 -23.54 -31.78 28.64
CA GLY D 162 -22.34 -32.36 28.09
C GLY D 162 -21.73 -31.62 26.91
N LYS D 163 -22.46 -30.72 26.26
CA LYS D 163 -21.96 -30.01 25.07
C LYS D 163 -21.61 -28.56 25.41
N GLU D 164 -20.46 -28.10 24.93
CA GLU D 164 -20.08 -26.71 25.10
C GLU D 164 -21.05 -25.79 24.36
N VAL D 165 -21.40 -24.65 24.97
CA VAL D 165 -22.38 -23.70 24.41
C VAL D 165 -21.72 -22.33 24.31
N HIS D 166 -22.19 -21.55 23.34
CA HIS D 166 -21.69 -20.20 23.14
C HIS D 166 -22.85 -19.24 23.07
N SER D 167 -23.98 -19.72 22.58
CA SER D 167 -25.19 -18.91 22.57
C SER D 167 -25.61 -18.59 24.01
N GLY D 168 -25.93 -17.33 24.27
CA GLY D 168 -26.43 -16.95 25.57
C GLY D 168 -25.35 -16.74 26.60
N VAL D 169 -24.08 -16.72 26.17
CA VAL D 169 -22.92 -16.63 27.05
C VAL D 169 -22.20 -15.32 26.78
N CYS D 170 -21.71 -14.69 27.84
CA CYS D 170 -20.64 -13.71 27.67
C CYS D 170 -19.85 -13.74 28.95
N THR D 171 -18.53 -13.73 28.83
CA THR D 171 -17.68 -13.72 30.02
C THR D 171 -16.77 -12.49 29.94
N ASP D 172 -16.35 -12.01 31.10
CA ASP D 172 -15.59 -10.76 31.13
C ASP D 172 -14.37 -10.86 30.22
N PRO D 173 -14.13 -9.86 29.36
CA PRO D 173 -12.90 -9.90 28.55
C PRO D 173 -11.62 -9.82 29.38
N GLN D 174 -11.58 -9.01 30.44
CA GLN D 174 -10.39 -8.92 31.28
C GLN D 174 -10.69 -9.38 32.72
N PRO D 175 -9.77 -10.10 33.36
CA PRO D 175 -9.98 -10.49 34.76
C PRO D 175 -9.93 -9.28 35.66
N LEU D 176 -10.32 -9.48 36.91
CA LEU D 176 -10.36 -8.45 37.93
C LEU D 176 -9.26 -8.71 38.95
N LYS D 177 -8.57 -7.66 39.40
CA LYS D 177 -7.58 -7.82 40.45
C LYS D 177 -8.29 -7.74 41.81
N GLU D 178 -8.11 -8.76 42.63
CA GLU D 178 -8.77 -8.78 43.94
C GLU D 178 -8.09 -7.88 44.96
N GLN D 179 -6.79 -7.64 44.78
CA GLN D 179 -6.02 -6.75 45.66
C GLN D 179 -5.12 -5.89 44.79
N PRO D 180 -5.64 -4.78 44.26
CA PRO D 180 -4.90 -4.03 43.23
C PRO D 180 -3.53 -3.55 43.68
N ALA D 181 -3.31 -3.44 45.00
CA ALA D 181 -2.00 -3.05 45.50
C ALA D 181 -0.96 -4.15 45.23
N LEU D 182 -1.13 -5.31 45.87
CA LEU D 182 -0.14 -6.39 45.76
C LEU D 182 0.20 -6.66 44.30
N ASN D 183 1.50 -6.84 44.01
CA ASN D 183 1.95 -6.92 42.63
C ASN D 183 1.66 -8.29 42.00
N ASP D 184 1.58 -9.34 42.80
CA ASP D 184 1.14 -10.65 42.33
C ASP D 184 -0.26 -10.95 42.89
N SER D 185 -1.10 -9.91 42.87
CA SER D 185 -2.50 -10.03 43.23
C SER D 185 -3.14 -11.25 42.59
N ARG D 186 -4.08 -11.84 43.32
CA ARG D 186 -4.90 -12.88 42.72
C ARG D 186 -6.05 -12.23 41.94
N TYR D 187 -6.62 -13.00 41.02
CA TYR D 187 -7.59 -12.49 40.06
C TYR D 187 -8.97 -13.11 40.27
N ALA D 188 -10.00 -12.44 39.75
CA ALA D 188 -11.35 -12.99 39.60
C ALA D 188 -11.87 -12.72 38.20
N LEU D 189 -12.80 -13.57 37.77
CA LEU D 189 -13.39 -13.53 36.43
C LEU D 189 -14.81 -14.08 36.51
N SER D 190 -15.75 -13.43 35.81
CA SER D 190 -17.15 -13.85 35.87
C SER D 190 -17.68 -14.08 34.45
N SER D 191 -18.71 -14.90 34.35
CA SER D 191 -19.36 -15.20 33.08
C SER D 191 -20.86 -15.35 33.33
N ARG D 192 -21.66 -15.13 32.30
CA ARG D 192 -23.09 -15.41 32.40
C ARG D 192 -23.48 -16.41 31.33
N LEU D 193 -24.47 -17.24 31.69
CA LEU D 193 -25.19 -18.08 30.74
C LEU D 193 -26.68 -17.89 31.00
N ARG D 194 -27.39 -17.39 30.00
CA ARG D 194 -28.80 -17.06 30.11
C ARG D 194 -29.60 -17.99 29.22
N VAL D 195 -30.68 -18.51 29.78
CA VAL D 195 -31.46 -19.58 29.20
C VAL D 195 -32.94 -19.21 29.36
N SER D 196 -33.81 -19.86 28.60
CA SER D 196 -35.23 -19.59 28.79
C SER D 196 -35.69 -20.13 30.15
N ALA D 197 -36.74 -19.53 30.70
CA ALA D 197 -37.24 -20.01 31.99
C ALA D 197 -37.59 -21.49 31.93
N THR D 198 -38.25 -21.92 30.85
CA THR D 198 -38.69 -23.31 30.81
C THR D 198 -37.50 -24.25 30.70
N PHE D 199 -36.43 -23.84 30.03
CA PHE D 199 -35.23 -24.66 29.96
C PHE D 199 -34.60 -24.82 31.34
N TRP D 200 -34.45 -23.71 32.08
CA TRP D 200 -33.93 -23.83 33.43
C TRP D 200 -34.85 -24.68 34.33
N GLN D 201 -36.15 -24.70 34.05
CA GLN D 201 -37.10 -25.38 34.91
C GLN D 201 -37.21 -26.88 34.62
N ASN D 202 -36.42 -27.41 33.69
CA ASN D 202 -36.38 -28.85 33.45
C ASN D 202 -35.28 -29.47 34.31
N PRO D 203 -35.62 -30.34 35.27
CA PRO D 203 -34.59 -30.88 36.17
C PRO D 203 -33.58 -31.81 35.50
N ARG D 204 -33.80 -32.20 34.25
CA ARG D 204 -32.85 -33.02 33.51
C ARG D 204 -31.89 -32.18 32.68
N ASN D 205 -31.90 -30.87 32.84
CA ASN D 205 -30.90 -30.03 32.22
C ASN D 205 -29.75 -29.81 33.20
N HIS D 206 -28.54 -30.03 32.73
CA HIS D 206 -27.34 -30.00 33.55
C HIS D 206 -26.44 -28.88 33.07
N PHE D 207 -25.88 -28.13 34.01
CA PHE D 207 -25.05 -26.99 33.67
C PHE D 207 -23.70 -27.10 34.37
N ARG D 208 -22.63 -26.84 33.63
CA ARG D 208 -21.30 -26.84 34.21
C ARG D 208 -20.51 -25.66 33.67
N CYS D 209 -19.78 -25.02 34.57
CA CYS D 209 -18.85 -23.95 34.27
C CYS D 209 -17.44 -24.49 34.46
N GLN D 210 -16.59 -24.36 33.44
CA GLN D 210 -15.28 -24.96 33.43
C GLN D 210 -14.21 -23.89 33.34
N VAL D 211 -13.24 -23.92 34.25
CA VAL D 211 -12.10 -23.02 34.23
C VAL D 211 -10.84 -23.85 34.09
N GLN D 212 -10.15 -23.71 32.95
CA GLN D 212 -8.90 -24.39 32.72
C GLN D 212 -7.79 -23.46 33.18
N PHE D 213 -7.03 -23.91 34.19
CA PHE D 213 -6.00 -23.11 34.81
C PHE D 213 -4.64 -23.56 34.31
N TYR D 214 -3.73 -22.62 34.10
CA TYR D 214 -2.38 -22.95 33.64
C TYR D 214 -1.41 -22.48 34.71
N GLY D 215 -0.73 -23.44 35.33
CA GLY D 215 0.14 -23.11 36.45
C GLY D 215 1.46 -23.87 36.44
N LEU D 216 1.87 -24.33 37.62
CA LEU D 216 3.17 -24.98 37.76
C LEU D 216 3.22 -26.28 36.98
N SER D 217 4.43 -26.67 36.61
CA SER D 217 4.65 -27.92 35.88
C SER D 217 5.32 -28.94 36.80
N GLU D 218 5.32 -30.20 36.36
CA GLU D 218 6.00 -31.27 37.07
C GLU D 218 7.48 -30.99 37.25
N ASN D 219 8.02 -29.99 36.56
CA ASN D 219 9.42 -29.61 36.70
C ASN D 219 9.61 -28.52 37.75
N ASP D 220 8.54 -27.86 38.19
CA ASP D 220 8.66 -26.90 39.27
C ASP D 220 8.73 -27.62 40.61
N GLU D 221 9.34 -26.98 41.59
CA GLU D 221 9.52 -27.55 42.92
C GLU D 221 8.43 -27.02 43.84
N TRP D 222 7.65 -27.92 44.42
CA TRP D 222 6.62 -27.55 45.39
C TRP D 222 6.93 -28.17 46.75
N THR D 223 6.89 -27.34 47.80
CA THR D 223 7.10 -27.81 49.16
C THR D 223 5.88 -27.71 50.09
N GLN D 224 5.01 -26.71 49.91
CA GLN D 224 3.93 -26.44 50.87
C GLN D 224 2.98 -27.63 51.02
N ASP D 225 2.42 -27.74 52.23
CA ASP D 225 1.42 -28.78 52.49
C ASP D 225 0.20 -28.57 51.62
N ARG D 226 -0.11 -27.31 51.30
CA ARG D 226 -1.11 -26.99 50.29
C ARG D 226 -0.77 -27.70 48.98
N ALA D 227 -1.80 -28.23 48.32
CA ALA D 227 -1.58 -29.00 47.10
C ALA D 227 -0.84 -28.14 46.05
N LYS D 228 -0.07 -28.80 45.21
CA LYS D 228 0.77 -28.10 44.24
C LYS D 228 -0.12 -27.43 43.19
N PRO D 229 0.01 -26.16 42.96
CA PRO D 229 -0.88 -25.43 42.02
C PRO D 229 -0.50 -25.63 40.56
N VAL D 230 -0.68 -26.85 40.09
CA VAL D 230 -0.33 -27.22 38.72
C VAL D 230 -1.49 -26.99 37.76
N THR D 231 -1.20 -27.13 36.47
CA THR D 231 -2.21 -26.98 35.45
C THR D 231 -3.33 -28.00 35.66
N GLN D 232 -4.57 -27.51 35.67
CA GLN D 232 -5.73 -28.31 36.07
C GLN D 232 -7.02 -27.64 35.59
N ILE D 233 -8.11 -28.41 35.64
CA ILE D 233 -9.46 -27.93 35.42
C ILE D 233 -10.18 -27.86 36.75
N VAL D 234 -10.86 -26.75 37.02
CA VAL D 234 -11.77 -26.61 38.16
C VAL D 234 -13.16 -26.24 37.63
N SER D 235 -14.17 -27.01 38.04
CA SER D 235 -15.54 -26.82 37.57
C SER D 235 -16.50 -26.56 38.73
N ALA D 236 -17.69 -26.12 38.37
CA ALA D 236 -18.85 -26.12 39.26
C ALA D 236 -20.09 -26.32 38.40
N GLU D 237 -21.14 -26.88 39.02
CA GLU D 237 -22.27 -27.42 38.30
C GLU D 237 -23.58 -26.95 38.91
N ALA D 238 -24.65 -27.00 38.12
CA ALA D 238 -25.99 -26.75 38.61
C ALA D 238 -26.96 -27.58 37.78
N TRP D 239 -28.12 -27.89 38.36
CA TRP D 239 -29.15 -28.67 37.69
C TRP D 239 -30.44 -27.87 37.62
N GLY D 240 -31.17 -28.01 36.51
CA GLY D 240 -32.45 -27.34 36.38
C GLY D 240 -33.36 -27.69 37.53
N ARG D 241 -34.34 -26.83 37.78
CA ARG D 241 -35.13 -26.93 39.01
C ARG D 241 -36.57 -26.52 38.68
N ALA D 242 -37.50 -27.41 38.96
CA ALA D 242 -38.91 -27.18 38.59
C ALA D 242 -39.65 -26.24 39.54
C1 NAG E . 22.31 -6.66 -23.87
C2 NAG E . 23.29 -7.37 -24.84
C3 NAG E . 23.37 -8.86 -24.56
C4 NAG E . 23.61 -9.16 -23.09
C5 NAG E . 22.56 -8.43 -22.25
C6 NAG E . 22.74 -8.61 -20.76
C7 NAG E . 23.72 -6.65 -27.16
C8 NAG E . 23.13 -6.51 -28.53
N2 NAG E . 22.90 -7.14 -26.22
O3 NAG E . 24.43 -9.40 -25.34
O4 NAG E . 23.49 -10.57 -22.89
O5 NAG E . 22.62 -7.03 -22.51
O6 NAG E . 23.91 -7.96 -20.27
O7 NAG E . 24.88 -6.35 -26.92
C1 NAG E . 24.60 -11.28 -22.26
C2 NAG E . 24.21 -12.77 -22.20
C3 NAG E . 25.32 -13.57 -21.53
C4 NAG E . 26.63 -13.36 -22.27
C5 NAG E . 26.95 -11.86 -22.38
C6 NAG E . 28.17 -11.58 -23.24
C7 NAG E . 22.71 -12.58 -20.26
C8 NAG E . 21.34 -12.86 -19.72
N2 NAG E . 22.94 -12.96 -21.51
O3 NAG E . 24.98 -14.95 -21.51
O4 NAG E . 27.70 -14.04 -21.60
O5 NAG E . 25.86 -11.14 -22.96
O6 NAG E . 27.88 -10.60 -24.23
O7 NAG E . 23.57 -12.03 -19.58
C1 NAG F . -4.32 2.42 -9.30
C2 NAG F . -5.11 1.59 -8.29
C3 NAG F . -6.17 0.76 -9.01
C4 NAG F . -7.08 1.69 -9.80
C5 NAG F . -6.23 2.53 -10.76
C6 NAG F . -7.05 3.53 -11.54
C7 NAG F . -3.73 1.20 -6.31
C8 NAG F . -2.93 0.21 -5.54
N2 NAG F . -4.26 0.76 -7.45
O3 NAG F . -6.88 0.01 -8.04
O4 NAG F . -7.98 0.95 -10.63
O5 NAG F . -5.22 3.26 -10.04
O6 NAG F . -7.33 4.69 -10.76
O7 NAG F . -3.90 2.35 -5.91
C1 NAG F . -9.29 0.60 -10.11
C2 NAG F . -10.27 0.54 -11.28
C3 NAG F . -11.63 0.00 -10.84
C4 NAG F . -11.52 -1.22 -9.92
C5 NAG F . -10.39 -1.07 -8.90
C6 NAG F . -10.08 -2.37 -8.19
C7 NAG F . -9.97 2.09 -13.15
C8 NAG F . -10.21 3.46 -13.68
N2 NAG F . -10.42 1.84 -11.91
O3 NAG F . -12.33 -0.35 -12.03
O4 NAG F . -12.69 -1.30 -9.11
O5 NAG F . -9.18 -0.65 -9.53
O6 NAG F . -8.94 -2.24 -7.34
O7 NAG F . -9.38 1.23 -13.80
C1 BMA F . -13.82 -2.17 -9.41
C2 BMA F . -14.10 -2.19 -10.94
C3 BMA F . -15.35 -3.04 -11.16
C4 BMA F . -15.21 -4.47 -10.51
C5 BMA F . -14.75 -4.41 -9.02
C6 BMA F . -14.36 -5.79 -8.43
O2 BMA F . -13.03 -2.81 -11.66
O3 BMA F . -15.71 -3.09 -12.56
O4 BMA F . -16.43 -5.16 -10.61
O5 BMA F . -13.60 -3.52 -8.93
O6 BMA F . -15.50 -6.61 -8.24
C1 NAG G . 21.22 -14.30 -33.74
C2 NAG G . 22.15 -15.31 -34.45
C3 NAG G . 23.55 -14.73 -34.61
C4 NAG G . 23.50 -13.38 -35.30
C5 NAG G . 22.62 -12.45 -34.49
C6 NAG G . 22.44 -11.09 -35.14
C7 NAG G . 21.49 -17.65 -34.10
C8 NAG G . 21.65 -18.87 -33.26
N2 NAG G . 22.19 -16.57 -33.73
O3 NAG G . 24.34 -15.63 -35.39
O4 NAG G . 24.82 -12.84 -35.44
O5 NAG G . 21.30 -13.01 -34.39
O6 NAG G . 21.36 -11.10 -36.06
O7 NAG G . 20.74 -17.63 -35.10
C1 GOL H . 18.30 23.66 -22.82
O1 GOL H . 17.18 22.82 -22.74
C2 GOL H . 18.59 24.12 -24.25
O2 GOL H . 17.40 24.60 -24.85
C3 GOL H . 19.62 25.26 -24.21
O3 GOL H . 19.86 25.73 -25.51
C A1AHF I . 12.58 6.80 -15.20
C1 A1AHF I . 13.54 5.84 -15.97
C2 A1AHF I . 13.03 5.54 -17.42
C3 A1AHF I . 13.90 4.52 -18.21
C4 A1AHF I . 13.07 3.73 -19.28
C5 A1AHF I . 11.81 3.03 -18.69
C6 A1AHF I . 11.32 1.80 -19.55
C7 A1AHF I . 10.53 0.70 -18.74
C8 A1AHF I . 9.06 1.12 -18.44
C9 A1AHF I . 8.29 0.04 -17.63
C10 A1AHF I . 8.83 -0.23 -16.19
C11 A1AHF I . 7.85 -1.19 -15.44
C12 A1AHF I . 8.58 -2.30 -14.65
C13 A1AHF I . 7.72 -2.86 -13.49
C14 A1AHF I . 7.81 -4.40 -13.42
C15 A1AHF I . 7.63 -4.97 -11.99
C16 A1AHF I . 7.66 -6.54 -12.01
C17 A1AHF I . 9.04 -6.91 -12.58
O A1AHF I . 9.84 -6.06 -12.65
N A1AHF I . 9.45 -8.26 -13.05
C18 A1AHF I . 8.64 -9.45 -13.05
C19 A1AHF I . 9.26 -10.38 -12.01
O1 A1AHF I . 8.17 -10.85 -11.22
C20 A1AHF I . 8.11 -12.19 -10.92
C21 A1AHF I . 9.51 -12.70 -10.53
O27 A1AHF I . 10.34 -12.78 -11.69
C22 A1AHF I . 9.52 -14.02 -9.87
O26 A1AHF I . 9.53 -15.10 -10.88
O2 A1AHF I . 7.19 -12.26 -9.79
C24 A1AHF I . 7.05 -13.62 -9.25
C25 A1AHF I . 6.25 -13.54 -7.99
O3 A1AHF I . 4.94 -13.09 -8.26
C23 A1AHF I . 8.40 -14.31 -8.93
O4 A1AHF I . 8.22 -15.75 -8.89
C54 A1AHF I . 8.87 -10.14 -14.39
O28 A1AHF I . 9.62 -11.05 -14.48
C55 A1AHF I . 8.17 -9.68 -15.66
C56 A1AHF I . 7.54 -8.30 -15.57
C57 A1AHF I . 7.01 -8.00 -16.96
C58 A1AHF I . 5.67 -7.29 -16.92
C59 A1AHF I . 5.57 -6.37 -18.13
C60 A1AHF I . 5.31 -7.18 -19.42
C61 A1AHF I . 4.35 -6.38 -20.34
C62 A1AHF I . 3.64 -7.26 -21.40
C63 A1AHF I . 4.65 -8.05 -22.26
C64 A1AHF I . 3.89 -8.93 -23.29
C65 A1AHF I . 4.80 -9.92 -24.03
C66 A1AHF I . 3.91 -10.69 -25.01
C67 A1AHF I . 4.59 -10.77 -26.39
C68 A1AHF I . 5.60 -11.91 -26.38
C69 A1AHF I . 5.99 -12.35 -27.80
C70 A1AHF I . 9.67 5.86 -12.65
C71 A1AHF I . 10.45 6.69 -13.69
C72 A1AHF I . 11.89 6.13 -13.97
C73 A1AHF I . 8.23 5.46 -13.06
S SO4 J . 11.32 20.13 -43.73
O1 SO4 J . 10.68 21.08 -44.63
O2 SO4 J . 12.22 19.25 -44.49
O3 SO4 J . 10.28 19.34 -43.06
O4 SO4 J . 12.12 20.87 -42.75
S SO4 K . 22.53 10.77 -25.09
O1 SO4 K . 23.63 9.83 -25.38
O2 SO4 K . 21.93 11.23 -26.35
O3 SO4 K . 23.05 11.90 -24.32
O4 SO4 K . 21.50 10.11 -24.29
#